data_7KQ1
#
_entry.id   7KQ1
#
_cell.length_a   136.660
_cell.length_b   136.660
_cell.length_c   104.005
_cell.angle_alpha   90.000
_cell.angle_beta   90.000
_cell.angle_gamma   120.000
#
_symmetry.space_group_name_H-M   'P 32 2 1'
#
loop_
_entity.id
_entity.type
_entity.pdbx_description
1 polymer 'Proliferating cell nuclear antigen'
2 polymer LYS-ARG-ARG-GLN-THR-SER-MET-THR-ASP-PHE-TYR-HIS-SER-LYS-ARG
#
loop_
_entity_poly.entity_id
_entity_poly.type
_entity_poly.pdbx_seq_one_letter_code
_entity_poly.pdbx_strand_id
1 'polypeptide(L)'
;MFEARLVQGSILKKVLEALKDLINEACWDISSSGVNLQSMDSSHVSLVQLTLRSEGFDTYRCDRNLAMGVNLTSMSKILK
CAGNEDIITLRAEDNADTLALVFEAPNQEKVSDYEMKLMDLDVEQLGIPEQEYSCVVKMPSGEFARICRDLSHIGDAVVI
SCAKDGVKFSASGELGNGNIKLSQTSNVDKEEEAVTIEMNEPVQLTFALRYLNFFTKATPLSSTVTLSMSADVPLVVEYK
IADMGHLKYYLAPKIEDEE
;
A,C,E
2 'polypeptide(L)' KRRQTSMTDFYHSKR B,D,F
#
# COMPACT_ATOMS: atom_id res chain seq x y z
N MET A 1 -36.90 -23.31 -4.92
CA MET A 1 -35.72 -22.79 -5.59
C MET A 1 -35.66 -21.27 -5.47
N PHE A 2 -34.45 -20.74 -5.35
CA PHE A 2 -34.21 -19.31 -5.13
C PHE A 2 -33.22 -18.82 -6.18
N GLU A 3 -33.58 -17.71 -6.83
CA GLU A 3 -32.76 -17.11 -7.87
C GLU A 3 -32.93 -15.60 -7.85
N ALA A 4 -31.83 -14.88 -8.00
CA ALA A 4 -31.88 -13.41 -7.98
C ALA A 4 -30.72 -12.84 -8.77
N ARG A 5 -31.03 -12.04 -9.79
CA ARG A 5 -30.04 -11.36 -10.61
C ARG A 5 -30.08 -9.86 -10.36
N LEU A 6 -28.90 -9.28 -10.15
CA LEU A 6 -28.75 -7.85 -9.91
C LEU A 6 -27.55 -7.35 -10.71
N VAL A 7 -27.74 -6.24 -11.44
CA VAL A 7 -26.70 -5.73 -12.33
C VAL A 7 -25.63 -4.95 -11.57
N GLN A 8 -26.02 -4.09 -10.62
CA GLN A 8 -25.06 -3.29 -9.86
C GLN A 8 -24.50 -4.13 -8.71
N GLY A 9 -23.76 -5.18 -9.09
CA GLY A 9 -23.30 -6.14 -8.12
C GLY A 9 -22.25 -5.64 -7.15
N SER A 10 -21.57 -4.53 -7.49
CA SER A 10 -20.62 -3.93 -6.56
C SER A 10 -21.23 -3.78 -5.17
N ILE A 11 -22.53 -3.46 -5.11
CA ILE A 11 -23.26 -3.34 -3.85
C ILE A 11 -22.95 -4.53 -2.94
N LEU A 12 -23.17 -5.74 -3.45
CA LEU A 12 -22.95 -6.94 -2.64
C LEU A 12 -21.56 -6.95 -2.03
N LYS A 13 -20.53 -6.68 -2.85
CA LYS A 13 -19.17 -6.68 -2.32
C LYS A 13 -19.05 -5.69 -1.18
N LYS A 14 -19.55 -4.47 -1.39
CA LYS A 14 -19.51 -3.46 -0.34
C LYS A 14 -20.23 -3.96 0.90
N VAL A 15 -21.38 -4.60 0.71
CA VAL A 15 -22.15 -5.11 1.85
C VAL A 15 -21.26 -6.00 2.70
N LEU A 16 -20.57 -6.95 2.05
CA LEU A 16 -19.75 -7.87 2.82
C LEU A 16 -18.50 -7.19 3.35
N GLU A 17 -18.01 -6.15 2.68
CA GLU A 17 -16.85 -5.42 3.20
C GLU A 17 -17.18 -4.74 4.53
N ALA A 18 -18.46 -4.42 4.74
CA ALA A 18 -18.93 -3.87 6.01
C ALA A 18 -19.26 -4.93 7.05
N LEU A 19 -19.50 -6.17 6.62
CA LEU A 19 -19.98 -7.21 7.53
C LEU A 19 -18.92 -8.21 7.94
N LYS A 20 -17.97 -8.53 7.06
CA LYS A 20 -17.04 -9.63 7.33
C LYS A 20 -16.20 -9.39 8.58
N ASP A 21 -15.86 -8.14 8.87
CA ASP A 21 -14.96 -7.83 9.97
C ASP A 21 -15.67 -7.71 11.32
N LEU A 22 -16.98 -7.45 11.31
CA LEU A 22 -17.74 -7.32 12.54
C LEU A 22 -18.47 -8.61 12.91
N ILE A 23 -19.12 -9.23 11.94
CA ILE A 23 -19.82 -10.50 12.12
C ILE A 23 -19.09 -11.57 11.32
N ASN A 24 -18.93 -12.74 11.92
CA ASN A 24 -18.27 -13.86 11.26
C ASN A 24 -19.27 -14.82 10.63
N GLU A 25 -20.41 -15.04 11.28
CA GLU A 25 -21.43 -15.95 10.78
C GLU A 25 -22.79 -15.30 10.98
N ALA A 26 -23.63 -15.35 9.95
CA ALA A 26 -24.93 -14.70 10.00
C ALA A 26 -25.98 -15.64 9.41
N CYS A 27 -27.24 -15.22 9.49
CA CYS A 27 -28.36 -16.00 8.99
C CYS A 27 -29.15 -15.13 8.02
N TRP A 28 -29.01 -15.41 6.73
CA TRP A 28 -29.75 -14.69 5.71
C TRP A 28 -31.15 -15.26 5.64
N ASP A 29 -32.14 -14.45 6.01
CA ASP A 29 -33.54 -14.80 5.89
C ASP A 29 -34.04 -14.37 4.52
N ILE A 30 -34.53 -15.34 3.75
CA ILE A 30 -34.96 -15.13 2.37
C ILE A 30 -36.47 -15.30 2.33
N SER A 31 -37.17 -14.28 1.82
CA SER A 31 -38.62 -14.32 1.70
C SER A 31 -39.02 -13.56 0.45
N SER A 32 -40.33 -13.63 0.14
CA SER A 32 -40.84 -12.94 -1.04
C SER A 32 -40.63 -11.43 -0.94
N SER A 33 -40.61 -10.89 0.27
CA SER A 33 -40.37 -9.46 0.44
C SER A 33 -38.98 -9.06 -0.04
N GLY A 34 -37.96 -9.81 0.37
CA GLY A 34 -36.60 -9.52 -0.03
C GLY A 34 -35.59 -10.33 0.76
N VAL A 35 -34.52 -9.69 1.22
CA VAL A 35 -33.46 -10.36 1.96
C VAL A 35 -33.26 -9.61 3.27
N ASN A 36 -33.23 -10.35 4.38
CA ASN A 36 -33.02 -9.76 5.69
C ASN A 36 -31.85 -10.47 6.38
N LEU A 37 -31.15 -9.72 7.23
CA LEU A 37 -30.07 -10.28 8.03
C LEU A 37 -30.01 -9.50 9.33
N GLN A 38 -30.17 -10.18 10.46
CA GLN A 38 -30.02 -9.53 11.75
C GLN A 38 -29.09 -10.38 12.61
N SER A 39 -28.01 -9.77 13.09
CA SER A 39 -27.05 -10.53 13.89
C SER A 39 -26.25 -9.59 14.76
N MET A 40 -25.92 -10.04 15.96
CA MET A 40 -25.08 -9.30 16.87
C MET A 40 -23.64 -9.79 16.77
N ASP A 41 -22.72 -8.95 17.25
CA ASP A 41 -21.33 -9.35 17.32
C ASP A 41 -21.12 -10.21 18.57
N SER A 42 -19.88 -10.68 18.75
CA SER A 42 -19.57 -11.53 19.90
C SER A 42 -19.80 -10.79 21.22
N SER A 43 -19.56 -9.48 21.25
CA SER A 43 -19.67 -8.73 22.49
C SER A 43 -21.10 -8.43 22.91
N HIS A 44 -22.08 -8.68 22.03
CA HIS A 44 -23.48 -8.35 22.28
C HIS A 44 -23.69 -6.87 22.58
N VAL A 45 -22.72 -6.03 22.25
CA VAL A 45 -22.85 -4.59 22.45
C VAL A 45 -23.48 -3.92 21.23
N SER A 46 -23.24 -4.44 20.03
CA SER A 46 -23.78 -3.86 18.81
C SER A 46 -24.54 -4.91 18.02
N LEU A 47 -25.42 -4.42 17.16
CA LEU A 47 -26.28 -5.25 16.32
C LEU A 47 -26.24 -4.72 14.89
N VAL A 48 -26.32 -5.63 13.92
CA VAL A 48 -26.36 -5.25 12.52
C VAL A 48 -27.67 -5.78 11.95
N GLN A 49 -28.38 -4.93 11.22
CA GLN A 49 -29.66 -5.27 10.61
C GLN A 49 -29.65 -4.77 9.17
N LEU A 50 -29.63 -5.69 8.23
CA LEU A 50 -29.64 -5.39 6.81
C LEU A 50 -30.96 -5.82 6.19
N THR A 51 -31.56 -4.95 5.41
CA THR A 51 -32.76 -5.28 4.65
C THR A 51 -32.57 -4.76 3.23
N LEU A 52 -32.77 -5.63 2.26
CA LEU A 52 -32.68 -5.23 0.86
C LEU A 52 -33.87 -5.82 0.11
N ARG A 53 -34.71 -4.93 -0.43
CA ARG A 53 -36.00 -5.27 -1.00
C ARG A 53 -35.87 -5.89 -2.39
N SER A 54 -36.96 -6.54 -2.81
CA SER A 54 -36.99 -7.24 -4.09
C SER A 54 -37.02 -6.28 -5.28
N GLU A 55 -37.63 -5.10 -5.11
CA GLU A 55 -37.79 -4.17 -6.23
C GLU A 55 -36.45 -3.76 -6.83
N GLY A 56 -35.40 -3.70 -6.01
CA GLY A 56 -34.09 -3.30 -6.53
C GLY A 56 -33.46 -4.33 -7.43
N PHE A 57 -33.82 -5.60 -7.27
CA PHE A 57 -33.26 -6.65 -8.12
C PHE A 57 -33.77 -6.53 -9.55
N ASP A 58 -32.94 -6.99 -10.49
CA ASP A 58 -33.38 -7.05 -11.88
C ASP A 58 -34.30 -8.24 -12.10
N THR A 59 -34.00 -9.40 -11.52
CA THR A 59 -34.97 -10.49 -11.49
C THR A 59 -34.89 -11.21 -10.15
N TYR A 60 -36.03 -11.64 -9.64
CA TYR A 60 -36.08 -12.24 -8.30
C TYR A 60 -37.20 -13.27 -8.25
N ARG A 61 -36.85 -14.52 -7.94
CA ARG A 61 -37.82 -15.58 -7.72
C ARG A 61 -37.42 -16.36 -6.47
N CYS A 62 -38.43 -16.65 -5.64
CA CYS A 62 -38.22 -17.38 -4.39
C CYS A 62 -39.52 -18.11 -4.07
N ASP A 63 -39.53 -19.43 -4.29
CA ASP A 63 -40.75 -20.19 -4.07
C ASP A 63 -40.96 -20.53 -2.60
N ARG A 64 -39.96 -21.12 -1.96
CA ARG A 64 -40.01 -21.44 -0.55
C ARG A 64 -39.18 -20.45 0.26
N ASN A 65 -39.65 -20.15 1.47
CA ASN A 65 -38.88 -19.27 2.34
C ASN A 65 -37.68 -20.01 2.91
N LEU A 66 -36.54 -19.34 2.92
CA LEU A 66 -35.29 -19.93 3.37
C LEU A 66 -34.68 -19.09 4.50
N ALA A 67 -33.78 -19.73 5.25
CA ALA A 67 -33.05 -19.07 6.34
C ALA A 67 -31.67 -19.73 6.40
N MET A 68 -30.79 -19.33 5.50
CA MET A 68 -29.52 -20.01 5.30
C MET A 68 -28.42 -19.36 6.14
N GLY A 69 -27.65 -20.18 6.85
CA GLY A 69 -26.55 -19.67 7.66
C GLY A 69 -25.26 -19.63 6.85
N VAL A 70 -24.64 -18.45 6.82
CA VAL A 70 -23.50 -18.20 5.95
C VAL A 70 -22.32 -17.70 6.77
N ASN A 71 -21.12 -18.05 6.33
CA ASN A 71 -19.89 -17.49 6.86
C ASN A 71 -19.56 -16.24 6.04
N LEU A 72 -19.69 -15.07 6.67
CA LEU A 72 -19.52 -13.82 5.95
C LEU A 72 -18.12 -13.67 5.39
N THR A 73 -17.11 -14.18 6.09
CA THR A 73 -15.73 -14.06 5.63
C THR A 73 -15.52 -14.85 4.33
N SER A 74 -16.03 -16.08 4.27
CA SER A 74 -15.88 -16.88 3.06
C SER A 74 -16.63 -16.26 1.88
N MET A 75 -17.83 -15.76 2.13
CA MET A 75 -18.60 -15.16 1.04
C MET A 75 -17.97 -13.86 0.56
N SER A 76 -17.35 -13.11 1.47
CA SER A 76 -16.61 -11.91 1.05
C SER A 76 -15.36 -12.27 0.26
N LYS A 77 -14.67 -13.34 0.67
CA LYS A 77 -13.55 -13.85 -0.11
C LYS A 77 -14.01 -14.22 -1.52
N ILE A 78 -15.18 -14.84 -1.64
CA ILE A 78 -15.71 -15.18 -2.95
C ILE A 78 -16.02 -13.93 -3.76
N LEU A 79 -16.74 -12.97 -3.16
CA LEU A 79 -17.13 -11.77 -3.90
C LEU A 79 -15.95 -10.88 -4.23
N LYS A 80 -14.81 -11.04 -3.55
CA LYS A 80 -13.62 -10.30 -3.94
C LYS A 80 -13.11 -10.70 -5.31
N CYS A 81 -13.54 -11.85 -5.83
CA CYS A 81 -13.15 -12.32 -7.15
C CYS A 81 -14.02 -11.73 -8.26
N ALA A 82 -14.97 -10.86 -7.93
CA ALA A 82 -15.90 -10.28 -8.90
C ALA A 82 -15.52 -8.84 -9.18
N GLY A 83 -15.46 -8.48 -10.45
CA GLY A 83 -15.25 -7.09 -10.81
C GLY A 83 -16.40 -6.20 -10.36
N ASN A 84 -16.09 -4.93 -10.18
CA ASN A 84 -17.10 -3.98 -9.68
C ASN A 84 -18.21 -3.73 -10.69
N GLU A 85 -17.98 -3.98 -11.98
CA GLU A 85 -18.97 -3.74 -13.02
C GLU A 85 -19.57 -5.03 -13.56
N ASP A 86 -19.64 -6.06 -12.71
CA ASP A 86 -20.18 -7.35 -13.11
C ASP A 86 -21.64 -7.47 -12.70
N ILE A 87 -22.34 -8.39 -13.36
CA ILE A 87 -23.74 -8.71 -13.04
C ILE A 87 -23.74 -10.01 -12.24
N ILE A 88 -24.31 -9.97 -11.03
CA ILE A 88 -24.21 -11.10 -10.11
C ILE A 88 -25.57 -11.73 -9.88
N THR A 89 -25.62 -13.05 -9.96
CA THR A 89 -26.82 -13.84 -9.72
C THR A 89 -26.54 -14.83 -8.60
N LEU A 90 -27.46 -14.89 -7.64
CA LEU A 90 -27.41 -15.84 -6.53
C LEU A 90 -28.50 -16.88 -6.70
N ARG A 91 -28.16 -18.14 -6.43
CA ARG A 91 -29.09 -19.25 -6.64
C ARG A 91 -28.89 -20.31 -5.56
N ALA A 92 -30.02 -20.90 -5.13
CA ALA A 92 -30.00 -21.96 -4.13
C ALA A 92 -31.35 -22.68 -4.05
N GLU A 93 -31.36 -23.99 -4.24
CA GLU A 93 -32.60 -24.73 -4.11
C GLU A 93 -32.96 -24.89 -2.63
N ASP A 94 -34.18 -25.39 -2.38
CA ASP A 94 -34.71 -25.45 -1.03
C ASP A 94 -33.85 -26.27 -0.09
N ASN A 95 -33.89 -27.60 -0.21
CA ASN A 95 -33.11 -28.49 0.65
C ASN A 95 -31.67 -28.62 0.15
N ALA A 96 -31.00 -27.47 0.07
CA ALA A 96 -29.63 -27.40 -0.42
C ALA A 96 -28.66 -27.02 0.68
N ASP A 97 -27.42 -27.48 0.52
CA ASP A 97 -26.32 -27.16 1.42
C ASP A 97 -25.29 -26.25 0.77
N THR A 98 -25.54 -25.78 -0.45
CA THR A 98 -24.60 -24.93 -1.17
C THR A 98 -25.34 -23.71 -1.72
N LEU A 99 -24.57 -22.63 -1.91
CA LEU A 99 -25.06 -21.39 -2.48
C LEU A 99 -24.23 -21.08 -3.72
N ALA A 100 -24.89 -20.93 -4.87
CA ALA A 100 -24.22 -20.66 -6.13
C ALA A 100 -24.23 -19.16 -6.42
N LEU A 101 -23.05 -18.63 -6.75
CA LEU A 101 -22.88 -17.24 -7.13
C LEU A 101 -22.26 -17.19 -8.52
N VAL A 102 -22.88 -16.43 -9.42
CA VAL A 102 -22.47 -16.35 -10.82
C VAL A 102 -22.15 -14.89 -11.15
N PHE A 103 -20.95 -14.67 -11.69
CA PHE A 103 -20.48 -13.36 -12.12
C PHE A 103 -20.46 -13.33 -13.65
N GLU A 104 -21.19 -12.38 -14.24
CA GLU A 104 -21.26 -12.23 -15.68
C GLU A 104 -20.70 -10.86 -16.06
N ALA A 105 -19.72 -10.86 -16.97
CA ALA A 105 -19.07 -9.62 -17.35
C ALA A 105 -19.98 -8.78 -18.24
N PRO A 106 -19.75 -7.47 -18.29
CA PRO A 106 -20.55 -6.63 -19.22
C PRO A 106 -20.40 -7.02 -20.68
N ASN A 107 -19.16 -7.20 -21.14
CA ASN A 107 -18.87 -7.65 -22.51
C ASN A 107 -19.36 -9.07 -22.79
N GLN A 108 -19.89 -9.79 -21.78
CA GLN A 108 -20.43 -11.14 -21.95
C GLN A 108 -19.39 -12.09 -22.56
N GLU A 109 -18.16 -12.02 -22.06
CA GLU A 109 -17.10 -12.92 -22.49
C GLU A 109 -16.47 -13.69 -21.34
N LYS A 110 -16.57 -13.18 -20.11
CA LYS A 110 -16.05 -13.84 -18.92
C LYS A 110 -17.23 -14.21 -18.03
N VAL A 111 -17.32 -15.50 -17.68
CA VAL A 111 -18.36 -16.00 -16.79
C VAL A 111 -17.69 -16.80 -15.69
N SER A 112 -17.98 -16.44 -14.44
CA SER A 112 -17.41 -17.08 -13.27
C SER A 112 -18.52 -17.74 -12.47
N ASP A 113 -18.25 -18.94 -11.94
CA ASP A 113 -19.20 -19.65 -11.11
C ASP A 113 -18.55 -20.06 -9.81
N TYR A 114 -19.32 -20.03 -8.71
CA TYR A 114 -18.81 -20.39 -7.40
C TYR A 114 -19.92 -21.09 -6.61
N GLU A 115 -19.54 -22.10 -5.83
CA GLU A 115 -20.47 -22.82 -4.96
C GLU A 115 -19.88 -22.85 -3.55
N MET A 116 -20.47 -22.10 -2.63
CA MET A 116 -19.97 -22.05 -1.26
C MET A 116 -20.85 -22.92 -0.35
N LYS A 117 -20.20 -23.57 0.62
CA LYS A 117 -20.89 -24.48 1.52
C LYS A 117 -21.62 -23.71 2.62
N LEU A 118 -22.85 -24.13 2.90
CA LEU A 118 -23.66 -23.51 3.94
C LEU A 118 -23.44 -24.22 5.27
N MET A 119 -24.04 -23.66 6.33
CA MET A 119 -23.87 -24.17 7.68
C MET A 119 -25.12 -23.84 8.49
N ASP A 120 -25.46 -24.73 9.41
CA ASP A 120 -26.58 -24.53 10.33
C ASP A 120 -26.12 -23.80 11.58
N LEU A 121 -26.72 -22.64 11.85
CA LEU A 121 -26.31 -21.80 12.97
C LEU A 121 -27.52 -21.52 13.87
N ASP A 122 -27.21 -21.06 15.09
CA ASP A 122 -28.22 -20.71 16.09
C ASP A 122 -28.14 -19.20 16.32
N VAL A 123 -28.93 -18.45 15.56
CA VAL A 123 -28.89 -17.00 15.59
C VAL A 123 -29.94 -16.47 16.57
N GLU A 124 -29.49 -15.67 17.54
CA GLU A 124 -30.37 -15.02 18.50
C GLU A 124 -30.89 -13.73 17.87
N GLN A 125 -32.17 -13.69 17.56
CA GLN A 125 -32.78 -12.58 16.84
C GLN A 125 -33.47 -11.64 17.82
N LEU A 126 -33.11 -10.37 17.76
CA LEU A 126 -33.68 -9.37 18.64
C LEU A 126 -34.91 -8.74 18.00
N GLY A 127 -35.77 -8.18 18.85
CA GLY A 127 -36.96 -7.49 18.39
C GLY A 127 -36.81 -5.98 18.49
N ILE A 128 -36.57 -5.33 17.35
CA ILE A 128 -36.39 -3.88 17.31
C ILE A 128 -37.73 -3.25 16.97
N PRO A 129 -38.38 -2.56 17.90
CA PRO A 129 -39.64 -1.89 17.58
C PRO A 129 -39.41 -0.56 16.89
N GLU A 130 -40.37 -0.17 16.05
CA GLU A 130 -40.32 1.13 15.42
C GLU A 130 -40.52 2.21 16.46
N GLN A 131 -39.69 3.25 16.42
CA GLN A 131 -39.75 4.29 17.44
C GLN A 131 -39.11 5.56 16.89
N GLU A 132 -39.51 6.69 17.46
CA GLU A 132 -38.90 7.97 17.15
C GLU A 132 -37.83 8.30 18.18
N TYR A 133 -36.80 9.00 17.73
CA TYR A 133 -35.67 9.36 18.57
C TYR A 133 -35.64 10.86 18.79
N SER A 134 -34.86 11.27 19.80
CA SER A 134 -34.81 12.68 20.17
C SER A 134 -34.01 13.51 19.17
N CYS A 135 -32.96 12.93 18.58
CA CYS A 135 -32.15 13.64 17.60
C CYS A 135 -31.80 12.73 16.43
N VAL A 136 -31.97 13.26 15.23
CA VAL A 136 -31.59 12.57 14.00
C VAL A 136 -30.67 13.51 13.22
N VAL A 137 -29.46 13.04 12.94
CA VAL A 137 -28.44 13.85 12.28
C VAL A 137 -28.06 13.16 10.99
N LYS A 138 -28.21 13.86 9.87
CA LYS A 138 -27.78 13.36 8.57
C LYS A 138 -26.50 14.08 8.16
N MET A 139 -25.48 13.32 7.77
CA MET A 139 -24.20 13.93 7.42
C MET A 139 -23.49 13.06 6.39
N PRO A 140 -22.51 13.62 5.68
CA PRO A 140 -21.76 12.80 4.71
C PRO A 140 -21.12 11.59 5.38
N SER A 141 -21.20 10.45 4.69
CA SER A 141 -20.63 9.22 5.21
C SER A 141 -19.13 9.34 5.45
N GLY A 142 -18.40 9.86 4.46
CA GLY A 142 -16.96 9.99 4.60
C GLY A 142 -16.55 10.93 5.72
N GLU A 143 -17.35 11.97 5.96
CA GLU A 143 -17.02 12.89 7.05
C GLU A 143 -17.18 12.21 8.40
N PHE A 144 -18.25 11.43 8.57
CA PHE A 144 -18.42 10.66 9.79
C PHE A 144 -17.27 9.67 9.99
N ALA A 145 -16.88 8.98 8.92
CA ALA A 145 -15.76 8.04 9.03
C ALA A 145 -14.47 8.75 9.43
N ARG A 146 -14.20 9.92 8.81
CA ARG A 146 -13.01 10.69 9.17
C ARG A 146 -13.05 11.12 10.63
N ILE A 147 -14.20 11.58 11.10
CA ILE A 147 -14.33 12.00 12.51
C ILE A 147 -14.04 10.83 13.43
N CYS A 148 -14.64 9.66 13.12
CA CYS A 148 -14.44 8.49 13.96
C CYS A 148 -12.97 8.06 13.99
N ARG A 149 -12.31 8.06 12.83
CA ARG A 149 -10.90 7.69 12.78
C ARG A 149 -10.04 8.68 13.57
N ASP A 150 -10.29 9.97 13.38
CA ASP A 150 -9.48 10.98 14.04
C ASP A 150 -9.64 10.90 15.56
N LEU A 151 -10.86 10.67 16.03
CA LEU A 151 -11.04 10.53 17.48
C LEU A 151 -10.51 9.19 17.98
N SER A 152 -10.50 8.17 17.12
CA SER A 152 -9.89 6.90 17.49
C SER A 152 -8.38 7.02 17.65
N HIS A 153 -7.76 7.99 16.96
CA HIS A 153 -6.36 8.25 17.23
C HIS A 153 -6.14 8.92 18.58
N ILE A 154 -7.19 9.40 19.23
CA ILE A 154 -7.07 10.13 20.50
C ILE A 154 -7.46 9.25 21.66
N GLY A 155 -8.70 8.77 21.66
CA GLY A 155 -9.19 7.95 22.76
C GLY A 155 -9.94 6.71 22.32
N ASP A 156 -10.64 6.08 23.25
CA ASP A 156 -11.40 4.87 22.98
C ASP A 156 -12.91 5.06 23.06
N ALA A 157 -13.37 6.20 23.59
CA ALA A 157 -14.80 6.47 23.72
C ALA A 157 -15.08 7.89 23.24
N VAL A 158 -16.23 8.06 22.57
CA VAL A 158 -16.66 9.33 22.03
C VAL A 158 -17.93 9.77 22.73
N VAL A 159 -18.00 11.06 23.04
CA VAL A 159 -19.18 11.70 23.63
C VAL A 159 -19.83 12.55 22.55
N ILE A 160 -21.08 12.20 22.20
CA ILE A 160 -21.84 12.92 21.19
C ILE A 160 -22.78 13.87 21.92
N SER A 161 -22.73 15.14 21.56
CA SER A 161 -23.61 16.16 22.12
C SER A 161 -24.39 16.78 20.97
N CYS A 162 -25.70 16.60 20.96
CA CYS A 162 -26.56 17.08 19.88
C CYS A 162 -27.57 18.06 20.45
N ALA A 163 -27.61 19.25 19.86
CA ALA A 163 -28.60 20.26 20.19
C ALA A 163 -29.16 20.78 18.87
N LYS A 164 -29.81 21.95 18.91
CA LYS A 164 -30.39 22.51 17.69
C LYS A 164 -29.34 23.26 16.87
N ASP A 165 -28.32 23.81 17.52
CA ASP A 165 -27.30 24.58 16.80
C ASP A 165 -26.33 23.68 16.05
N GLY A 166 -26.01 22.52 16.60
CA GLY A 166 -25.08 21.62 15.94
C GLY A 166 -24.77 20.42 16.79
N VAL A 167 -23.78 19.65 16.33
CA VAL A 167 -23.34 18.44 17.02
C VAL A 167 -21.86 18.58 17.38
N LYS A 168 -21.46 17.89 18.45
CA LYS A 168 -20.07 17.91 18.91
C LYS A 168 -19.64 16.50 19.30
N PHE A 169 -18.48 16.09 18.80
CA PHE A 169 -17.89 14.79 19.07
C PHE A 169 -16.64 15.01 19.91
N SER A 170 -16.66 14.52 21.14
CA SER A 170 -15.55 14.71 22.06
C SER A 170 -14.89 13.36 22.36
N ALA A 171 -13.58 13.39 22.57
CA ALA A 171 -12.86 12.17 22.89
C ALA A 171 -11.57 12.50 23.61
N SER A 172 -11.28 11.75 24.67
CA SER A 172 -10.08 11.98 25.47
C SER A 172 -9.28 10.69 25.59
N GLY A 173 -7.96 10.86 25.68
CA GLY A 173 -7.03 9.77 25.84
C GLY A 173 -5.76 10.22 26.54
N GLU A 174 -4.77 9.33 26.62
CA GLU A 174 -3.55 9.64 27.36
C GLU A 174 -2.83 10.84 26.78
N LEU A 175 -2.87 11.02 25.46
CA LEU A 175 -2.20 12.17 24.86
C LEU A 175 -2.94 13.47 25.12
N GLY A 176 -4.25 13.42 25.34
CA GLY A 176 -4.98 14.66 25.57
C GLY A 176 -6.49 14.56 25.35
N ASN A 177 -7.07 15.56 24.72
CA ASN A 177 -8.50 15.57 24.42
C ASN A 177 -8.72 16.19 23.05
N GLY A 178 -9.96 16.09 22.58
CA GLY A 178 -10.31 16.67 21.30
C GLY A 178 -11.80 16.79 21.14
N ASN A 179 -12.22 17.84 20.44
CA ASN A 179 -13.63 18.08 20.12
C ASN A 179 -13.74 18.42 18.65
N ILE A 180 -14.82 17.94 18.02
CA ILE A 180 -15.12 18.22 16.62
C ILE A 180 -16.55 18.75 16.59
N LYS A 181 -16.71 20.01 16.19
CA LYS A 181 -18.01 20.67 16.18
C LYS A 181 -18.48 20.88 14.75
N LEU A 182 -19.69 20.40 14.46
CA LEU A 182 -20.33 20.61 13.17
C LEU A 182 -21.57 21.47 13.40
N SER A 183 -21.62 22.63 12.74
CA SER A 183 -22.69 23.59 12.92
C SER A 183 -23.76 23.45 11.84
N GLN A 184 -25.00 23.73 12.22
CA GLN A 184 -26.11 23.75 11.26
C GLN A 184 -25.83 24.78 10.16
N THR A 185 -25.84 24.33 8.91
CA THR A 185 -25.43 25.18 7.79
C THR A 185 -26.56 25.94 7.09
N SER A 186 -26.36 26.23 5.79
CA SER A 186 -27.36 26.81 4.91
C SER A 186 -27.80 25.73 3.93
N ASN A 187 -29.11 25.47 3.87
CA ASN A 187 -29.66 24.32 3.16
C ASN A 187 -29.71 24.55 1.64
N VAL A 188 -28.53 24.68 1.06
CA VAL A 188 -28.36 24.70 -0.39
C VAL A 188 -27.63 23.47 -0.91
N ASP A 189 -27.15 22.60 -0.02
CA ASP A 189 -26.30 21.47 -0.41
C ASP A 189 -27.14 20.31 -0.97
N LYS A 190 -26.54 19.13 -1.01
CA LYS A 190 -27.10 17.95 -1.69
C LYS A 190 -26.47 16.68 -1.14
N GLU A 191 -25.65 15.98 -1.92
CA GLU A 191 -25.08 14.73 -1.44
C GLU A 191 -24.05 14.94 -0.34
N GLU A 192 -23.57 16.16 -0.16
CA GLU A 192 -22.72 16.51 0.97
C GLU A 192 -23.50 17.30 1.99
N GLU A 193 -24.71 16.82 2.29
CA GLU A 193 -25.64 17.41 3.26
C GLU A 193 -24.91 17.93 4.48
N ALA A 194 -24.38 19.15 4.38
CA ALA A 194 -23.60 19.78 5.43
C ALA A 194 -24.35 19.72 6.76
N VAL A 195 -24.32 18.54 7.38
CA VAL A 195 -24.98 18.17 8.63
C VAL A 195 -26.34 18.82 8.83
N THR A 196 -27.39 18.02 8.70
CA THR A 196 -28.75 18.45 9.00
C THR A 196 -29.18 17.80 10.30
N ILE A 197 -29.94 18.52 11.11
CA ILE A 197 -30.31 18.08 12.45
C ILE A 197 -31.81 18.26 12.64
N GLU A 198 -32.48 17.17 13.02
CA GLU A 198 -33.88 17.20 13.44
C GLU A 198 -33.89 16.83 14.92
N MET A 199 -34.25 17.79 15.76
CA MET A 199 -34.07 17.67 17.21
C MET A 199 -35.40 17.78 17.92
N ASN A 200 -35.64 16.86 18.86
CA ASN A 200 -36.77 16.91 19.78
C ASN A 200 -36.35 17.34 21.18
N GLU A 201 -35.27 16.76 21.70
CA GLU A 201 -34.67 17.11 22.99
C GLU A 201 -33.16 16.97 22.82
N PRO A 202 -32.37 17.92 23.33
CA PRO A 202 -30.91 17.79 23.23
C PRO A 202 -30.43 16.55 23.97
N VAL A 203 -29.45 15.86 23.38
CA VAL A 203 -29.02 14.56 23.88
C VAL A 203 -27.51 14.45 23.85
N GLN A 204 -26.91 14.05 24.97
CA GLN A 204 -25.48 13.76 25.03
C GLN A 204 -25.32 12.31 25.52
N LEU A 205 -24.57 11.53 24.74
CA LEU A 205 -24.37 10.11 25.02
C LEU A 205 -22.90 9.77 24.81
N THR A 206 -22.52 8.57 25.25
CA THR A 206 -21.14 8.11 25.15
C THR A 206 -21.11 6.70 24.58
N PHE A 207 -20.19 6.48 23.63
CA PHE A 207 -20.09 5.21 22.93
C PHE A 207 -18.62 4.84 22.73
N ALA A 208 -18.39 3.61 22.31
CA ALA A 208 -17.04 3.11 22.07
C ALA A 208 -16.63 3.37 20.63
N LEU A 209 -15.44 3.95 20.44
CA LEU A 209 -14.97 4.29 19.10
C LEU A 209 -14.64 3.08 18.26
N ARG A 210 -14.24 1.96 18.87
CA ARG A 210 -13.94 0.76 18.09
C ARG A 210 -15.16 0.31 17.30
N TYR A 211 -16.32 0.25 17.94
CA TYR A 211 -17.53 -0.20 17.26
C TYR A 211 -17.90 0.76 16.15
N LEU A 212 -17.70 2.07 16.36
CA LEU A 212 -18.03 3.04 15.33
C LEU A 212 -17.08 2.93 14.14
N ASN A 213 -15.80 2.62 14.41
CA ASN A 213 -14.87 2.40 13.31
C ASN A 213 -15.22 1.14 12.53
N PHE A 214 -15.72 0.11 13.22
CA PHE A 214 -16.25 -1.04 12.49
C PHE A 214 -17.48 -0.66 11.67
N PHE A 215 -18.31 0.24 12.21
CA PHE A 215 -19.53 0.65 11.52
C PHE A 215 -19.20 1.39 10.23
N THR A 216 -18.24 2.31 10.29
CA THR A 216 -17.90 3.17 9.16
C THR A 216 -17.33 2.40 7.97
N LYS A 217 -17.14 1.09 8.07
CA LYS A 217 -16.72 0.29 6.94
C LYS A 217 -17.83 0.16 5.89
N ALA A 218 -19.04 0.61 6.20
CA ALA A 218 -20.14 0.66 5.25
C ALA A 218 -20.24 2.00 4.54
N THR A 219 -19.17 2.79 4.53
CA THR A 219 -19.22 4.11 3.91
C THR A 219 -19.52 4.05 2.41
N PRO A 220 -18.89 3.19 1.60
CA PRO A 220 -19.19 3.20 0.16
C PRO A 220 -20.62 2.78 -0.19
N LEU A 221 -21.42 2.32 0.78
CA LEU A 221 -22.77 1.88 0.47
C LEU A 221 -23.68 3.04 0.12
N SER A 222 -23.57 4.15 0.84
CA SER A 222 -24.50 5.26 0.70
C SER A 222 -23.73 6.57 0.65
N SER A 223 -24.37 7.59 0.09
CA SER A 223 -23.77 8.92 0.03
C SER A 223 -23.86 9.64 1.36
N THR A 224 -24.91 9.40 2.12
CA THR A 224 -25.12 10.02 3.43
C THR A 224 -25.34 8.96 4.48
N VAL A 225 -25.15 9.35 5.75
CA VAL A 225 -25.37 8.48 6.89
C VAL A 225 -26.28 9.21 7.86
N THR A 226 -27.14 8.45 8.56
CA THR A 226 -28.08 9.03 9.51
C THR A 226 -27.86 8.42 10.89
N LEU A 227 -27.53 9.28 11.86
CA LEU A 227 -27.37 8.89 13.26
C LEU A 227 -28.63 9.27 14.01
N SER A 228 -29.38 8.27 14.48
CA SER A 228 -30.58 8.47 15.26
C SER A 228 -30.31 8.08 16.70
N MET A 229 -30.73 8.92 17.66
CA MET A 229 -30.47 8.61 19.04
C MET A 229 -31.37 9.41 19.96
N SER A 230 -31.68 8.84 21.13
CA SER A 230 -32.34 9.55 22.20
C SER A 230 -31.64 9.20 23.51
N ALA A 231 -32.17 9.71 24.62
CA ALA A 231 -31.52 9.56 25.91
C ALA A 231 -31.54 8.11 26.37
N ASP A 232 -30.34 7.56 26.62
CA ASP A 232 -30.18 6.24 27.22
C ASP A 232 -30.78 5.12 26.37
N VAL A 233 -30.68 5.26 25.05
CA VAL A 233 -31.04 4.17 24.15
C VAL A 233 -29.91 4.03 23.13
N PRO A 234 -29.75 2.84 22.54
CA PRO A 234 -28.68 2.64 21.57
C PRO A 234 -28.83 3.56 20.36
N LEU A 235 -27.70 4.09 19.89
CA LEU A 235 -27.69 4.84 18.64
C LEU A 235 -27.94 3.91 17.46
N VAL A 236 -28.53 4.47 16.41
CA VAL A 236 -28.78 3.75 15.16
C VAL A 236 -28.05 4.51 14.06
N VAL A 237 -26.99 3.92 13.54
CA VAL A 237 -26.25 4.46 12.39
C VAL A 237 -26.78 3.75 11.15
N GLU A 238 -27.46 4.49 10.27
CA GLU A 238 -28.14 3.91 9.13
C GLU A 238 -27.50 4.38 7.83
N TYR A 239 -27.25 3.41 6.94
CA TYR A 239 -26.78 3.64 5.58
C TYR A 239 -27.84 3.10 4.62
N LYS A 240 -28.39 3.98 3.78
CA LYS A 240 -29.41 3.58 2.83
C LYS A 240 -28.73 3.06 1.56
N ILE A 241 -28.90 1.76 1.29
CA ILE A 241 -28.38 1.18 0.06
C ILE A 241 -29.34 1.57 -1.05
N ALA A 242 -28.86 2.40 -1.98
CA ALA A 242 -29.66 3.09 -2.98
C ALA A 242 -30.74 2.21 -3.56
N ASP A 243 -32.00 2.61 -3.35
CA ASP A 243 -33.18 1.96 -3.90
C ASP A 243 -33.40 0.57 -3.31
N MET A 244 -32.32 -0.16 -3.03
CA MET A 244 -32.41 -1.52 -2.50
C MET A 244 -33.06 -1.54 -1.13
N GLY A 245 -32.41 -0.93 -0.14
CA GLY A 245 -32.92 -0.97 1.22
C GLY A 245 -32.05 -0.19 2.18
N HIS A 246 -31.79 -0.76 3.35
CA HIS A 246 -30.99 -0.05 4.35
C HIS A 246 -30.16 -1.05 5.13
N LEU A 247 -29.16 -0.51 5.84
CA LEU A 247 -28.26 -1.27 6.69
C LEU A 247 -28.05 -0.45 7.96
N LYS A 248 -28.53 -0.97 9.09
CA LYS A 248 -28.52 -0.26 10.36
C LYS A 248 -27.54 -0.93 11.31
N TYR A 249 -26.84 -0.10 12.08
CA TYR A 249 -25.94 -0.56 13.14
C TYR A 249 -26.43 0.04 14.44
N TYR A 250 -26.88 -0.82 15.36
CA TYR A 250 -27.32 -0.39 16.68
C TYR A 250 -26.15 -0.53 17.64
N LEU A 251 -25.88 0.53 18.41
CA LEU A 251 -24.76 0.52 19.36
C LEU A 251 -25.23 1.04 20.71
N ALA A 252 -25.04 0.23 21.77
CA ALA A 252 -25.49 0.50 23.13
C ALA A 252 -24.58 1.54 23.80
N PRO A 253 -25.15 2.49 24.55
CA PRO A 253 -24.33 3.55 25.15
C PRO A 253 -23.56 3.10 26.38
N LYS A 254 -22.92 4.05 27.06
CA LYS A 254 -22.23 3.80 28.32
C LYS A 254 -22.85 4.69 29.38
N ILE A 255 -23.36 4.06 30.45
CA ILE A 255 -24.05 4.76 31.52
C ILE A 255 -23.16 4.74 32.75
N GLU A 256 -23.34 5.72 33.62
CA GLU A 256 -22.55 5.83 34.84
C GLU A 256 -23.35 5.29 36.02
N ASP A 257 -22.74 4.40 36.79
CA ASP A 257 -23.42 3.74 37.90
C ASP A 257 -23.49 4.64 39.13
N LYS B 1 -17.28 5.69 37.62
CA LYS B 1 -16.87 5.30 36.28
C LYS B 1 -18.12 4.91 35.49
N ARG B 2 -17.97 4.55 34.22
CA ARG B 2 -19.09 4.26 33.34
C ARG B 2 -19.04 2.82 32.89
N ARG B 3 -20.22 2.23 32.70
CA ARG B 3 -20.37 0.82 32.35
C ARG B 3 -21.02 0.70 30.98
N GLN B 4 -20.41 -0.13 30.12
CA GLN B 4 -20.93 -0.40 28.79
C GLN B 4 -22.06 -1.41 28.87
N THR B 5 -23.23 -1.04 28.34
CA THR B 5 -24.40 -1.89 28.35
C THR B 5 -24.50 -2.69 27.06
N SER B 6 -25.50 -3.57 26.98
CA SER B 6 -25.72 -4.42 25.82
C SER B 6 -27.12 -4.23 25.26
N MET B 7 -27.35 -4.81 24.08
CA MET B 7 -28.67 -4.74 23.45
C MET B 7 -29.72 -5.47 24.29
N THR B 8 -29.33 -6.58 24.91
CA THR B 8 -30.25 -7.37 25.73
C THR B 8 -30.86 -6.54 26.84
N ASP B 9 -30.15 -5.52 27.31
CA ASP B 9 -30.67 -4.66 28.36
C ASP B 9 -31.83 -3.79 27.87
N PHE B 10 -31.98 -3.64 26.55
CA PHE B 10 -33.04 -2.81 25.98
C PHE B 10 -34.13 -3.58 25.26
N TYR B 11 -33.78 -4.62 24.52
CA TYR B 11 -34.76 -5.35 23.73
C TYR B 11 -34.77 -6.81 24.16
N HIS B 12 -35.70 -7.57 23.60
CA HIS B 12 -35.84 -8.98 23.97
C HIS B 12 -35.54 -9.85 22.76
N SER B 13 -35.06 -11.05 23.04
CA SER B 13 -34.60 -11.99 22.04
C SER B 13 -35.64 -13.08 21.78
N LYS B 14 -35.88 -13.37 20.51
CA LYS B 14 -36.76 -14.48 20.15
C LYS B 14 -35.90 -15.72 19.95
N ARG B 15 -36.29 -16.60 19.03
CA ARG B 15 -35.52 -17.80 18.77
C ARG B 15 -34.26 -17.48 17.96
N MET C 1 36.09 -11.23 -23.35
CA MET C 1 35.39 -10.10 -22.78
C MET C 1 33.98 -10.00 -23.34
N PHE C 2 33.05 -9.57 -22.49
CA PHE C 2 31.63 -9.50 -22.82
C PHE C 2 31.13 -8.10 -22.51
N GLU C 3 30.44 -7.49 -23.48
CA GLU C 3 29.90 -6.15 -23.34
C GLU C 3 28.60 -6.06 -24.12
N ALA C 4 27.57 -5.47 -23.50
CA ALA C 4 26.27 -5.37 -24.15
C ALA C 4 25.49 -4.18 -23.61
N ARG C 5 25.02 -3.31 -24.50
CA ARG C 5 24.21 -2.16 -24.14
C ARG C 5 22.78 -2.31 -24.62
N LEU C 6 21.82 -1.96 -23.75
CA LEU C 6 20.42 -1.93 -24.10
C LEU C 6 19.79 -0.67 -23.54
N VAL C 7 19.07 0.06 -24.38
CA VAL C 7 18.46 1.31 -23.93
C VAL C 7 17.19 1.03 -23.13
N GLN C 8 16.40 0.05 -23.57
CA GLN C 8 15.15 -0.30 -22.91
C GLN C 8 15.42 -1.19 -21.69
N GLY C 9 16.03 -0.57 -20.67
CA GLY C 9 16.41 -1.31 -19.48
C GLY C 9 15.22 -1.83 -18.68
N SER C 10 14.04 -1.22 -18.89
CA SER C 10 12.82 -1.76 -18.31
C SER C 10 12.70 -3.25 -18.58
N ILE C 11 13.13 -3.68 -19.78
CA ILE C 11 13.16 -5.11 -20.10
C ILE C 11 13.88 -5.89 -19.01
N LEU C 12 15.15 -5.55 -18.75
CA LEU C 12 15.93 -6.24 -17.73
C LEU C 12 15.26 -6.19 -16.36
N LYS C 13 14.80 -4.99 -15.95
CA LYS C 13 14.17 -4.88 -14.64
C LYS C 13 12.95 -5.79 -14.51
N LYS C 14 12.07 -5.77 -15.52
CA LYS C 14 10.90 -6.66 -15.52
C LYS C 14 11.33 -8.12 -15.51
N VAL C 15 12.33 -8.46 -16.31
CA VAL C 15 12.81 -9.85 -16.37
C VAL C 15 13.19 -10.33 -14.98
N LEU C 16 14.03 -9.56 -14.29
CA LEU C 16 14.49 -10.02 -13.00
C LEU C 16 13.38 -9.97 -11.95
N GLU C 17 12.44 -9.03 -12.08
CA GLU C 17 11.29 -9.07 -11.18
C GLU C 17 10.44 -10.31 -11.42
N ALA C 18 10.51 -10.87 -12.63
CA ALA C 18 9.84 -12.13 -12.92
C ALA C 18 10.65 -13.34 -12.48
N LEU C 19 11.97 -13.16 -12.30
CA LEU C 19 12.86 -14.27 -11.95
C LEU C 19 13.25 -14.27 -10.48
N LYS C 20 13.27 -13.10 -9.85
CA LYS C 20 13.82 -12.96 -8.50
C LYS C 20 13.11 -13.88 -7.50
N ASP C 21 11.79 -14.04 -7.65
CA ASP C 21 11.01 -14.80 -6.70
C ASP C 21 10.98 -16.30 -6.99
N LEU C 22 11.25 -16.71 -8.24
CA LEU C 22 11.19 -18.11 -8.62
C LEU C 22 12.56 -18.79 -8.62
N ILE C 23 13.57 -18.14 -9.18
CA ILE C 23 14.93 -18.69 -9.20
C ILE C 23 15.82 -17.83 -8.32
N ASN C 24 16.65 -18.46 -7.51
CA ASN C 24 17.60 -17.77 -6.64
C ASN C 24 19.00 -17.72 -7.24
N GLU C 25 19.41 -18.79 -7.92
CA GLU C 25 20.72 -18.88 -8.54
C GLU C 25 20.56 -19.53 -9.90
N ALA C 26 21.14 -18.90 -10.92
CA ALA C 26 21.02 -19.41 -12.29
C ALA C 26 22.38 -19.29 -12.96
N CYS C 27 22.45 -19.82 -14.19
CA CYS C 27 23.68 -19.84 -14.98
C CYS C 27 23.36 -19.22 -16.34
N TRP C 28 23.81 -17.98 -16.55
CA TRP C 28 23.62 -17.26 -17.81
C TRP C 28 24.61 -17.77 -18.83
N ASP C 29 24.13 -18.41 -19.90
CA ASP C 29 24.96 -18.86 -20.99
C ASP C 29 25.05 -17.76 -22.03
N ILE C 30 26.27 -17.29 -22.29
CA ILE C 30 26.53 -16.17 -23.19
C ILE C 30 27.30 -16.69 -24.40
N SER C 31 26.79 -16.40 -25.59
CA SER C 31 27.43 -16.81 -26.82
C SER C 31 27.20 -15.74 -27.88
N SER C 32 27.84 -15.91 -29.04
CA SER C 32 27.72 -14.94 -30.12
C SER C 32 26.28 -14.80 -30.58
N SER C 33 25.48 -15.87 -30.45
CA SER C 33 24.06 -15.80 -30.82
C SER C 33 23.32 -14.83 -29.91
N GLY C 34 23.53 -14.92 -28.60
CA GLY C 34 22.87 -14.05 -27.66
C GLY C 34 23.02 -14.46 -26.22
N VAL C 35 21.94 -14.39 -25.44
CA VAL C 35 21.95 -14.71 -24.02
C VAL C 35 20.84 -15.72 -23.75
N ASN C 36 21.20 -16.80 -23.04
CA ASN C 36 20.25 -17.84 -22.66
C ASN C 36 20.33 -18.07 -21.16
N LEU C 37 19.20 -18.49 -20.60
CA LEU C 37 19.14 -18.87 -19.20
C LEU C 37 18.11 -19.98 -19.08
N GLN C 38 18.52 -21.14 -18.59
CA GLN C 38 17.59 -22.22 -18.32
C GLN C 38 17.88 -22.74 -16.93
N SER C 39 16.87 -22.73 -16.07
CA SER C 39 17.07 -23.21 -14.70
C SER C 39 15.74 -23.59 -14.09
N MET C 40 15.73 -24.66 -13.32
CA MET C 40 14.55 -25.06 -12.57
C MET C 40 14.65 -24.59 -11.14
N ASP C 41 13.51 -24.59 -10.46
CA ASP C 41 13.48 -24.25 -9.04
C ASP C 41 13.96 -25.44 -8.21
N SER C 42 13.98 -25.24 -6.88
CA SER C 42 14.46 -26.29 -5.99
C SER C 42 13.62 -27.55 -6.08
N SER C 43 12.31 -27.40 -6.28
CA SER C 43 11.42 -28.55 -6.31
C SER C 43 11.46 -29.32 -7.62
N HIS C 44 12.15 -28.82 -8.65
CA HIS C 44 12.17 -29.41 -9.98
C HIS C 44 10.77 -29.58 -10.57
N VAL C 45 9.80 -28.84 -10.05
CA VAL C 45 8.43 -28.90 -10.57
C VAL C 45 8.24 -27.92 -11.73
N SER C 46 8.94 -26.80 -11.71
CA SER C 46 8.84 -25.79 -12.75
C SER C 46 10.22 -25.50 -13.31
N LEU C 47 10.24 -24.99 -14.53
CA LEU C 47 11.45 -24.64 -15.26
C LEU C 47 11.28 -23.27 -15.87
N VAL C 48 12.37 -22.50 -15.93
CA VAL C 48 12.36 -21.18 -16.55
C VAL C 48 13.39 -21.18 -17.67
N GLN C 49 12.98 -20.64 -18.83
CA GLN C 49 13.85 -20.53 -20.00
C GLN C 49 13.70 -19.13 -20.57
N LEU C 50 14.76 -18.34 -20.48
CA LEU C 50 14.82 -16.98 -20.99
C LEU C 50 15.78 -16.94 -22.17
N THR C 51 15.37 -16.30 -23.26
CA THR C 51 16.19 -16.14 -24.44
C THR C 51 16.13 -14.70 -24.90
N LEU C 52 17.30 -14.08 -25.09
CA LEU C 52 17.42 -12.71 -25.61
C LEU C 52 18.49 -12.71 -26.69
N ARG C 53 18.09 -12.44 -27.93
CA ARG C 53 19.03 -12.54 -29.03
C ARG C 53 19.89 -11.28 -29.12
N SER C 54 21.01 -11.40 -29.85
CA SER C 54 21.95 -10.28 -29.95
C SER C 54 21.39 -9.15 -30.80
N GLU C 55 20.56 -9.47 -31.81
CA GLU C 55 20.03 -8.45 -32.69
C GLU C 55 19.20 -7.42 -31.95
N GLY C 56 18.53 -7.83 -30.86
CA GLY C 56 17.73 -6.89 -30.10
C GLY C 56 18.56 -5.88 -29.34
N PHE C 57 19.80 -6.22 -29.00
CA PHE C 57 20.68 -5.28 -28.32
C PHE C 57 21.12 -4.18 -29.28
N ASP C 58 21.36 -2.99 -28.71
CA ASP C 58 21.87 -1.88 -29.52
C ASP C 58 23.35 -2.04 -29.81
N THR C 59 24.12 -2.54 -28.84
CA THR C 59 25.51 -2.92 -29.05
C THR C 59 25.74 -4.24 -28.35
N TYR C 60 26.49 -5.13 -29.01
CA TYR C 60 26.71 -6.48 -28.49
C TYR C 60 28.06 -6.97 -29.00
N ARG C 61 28.95 -7.30 -28.07
CA ARG C 61 30.22 -7.91 -28.40
C ARG C 61 30.45 -9.08 -27.47
N CYS C 62 30.83 -10.23 -28.04
CA CYS C 62 31.12 -11.42 -27.25
C CYS C 62 32.10 -12.27 -28.05
N ASP C 63 33.38 -12.17 -27.68
CA ASP C 63 34.41 -12.94 -28.35
C ASP C 63 34.51 -14.35 -27.77
N ARG C 64 34.58 -14.47 -26.46
CA ARG C 64 34.62 -15.75 -25.77
C ARG C 64 33.25 -16.09 -25.21
N ASN C 65 32.92 -17.39 -25.23
CA ASN C 65 31.66 -17.86 -24.65
C ASN C 65 31.76 -17.92 -23.13
N LEU C 66 30.69 -17.51 -22.46
CA LEU C 66 30.66 -17.46 -21.00
C LEU C 66 29.52 -18.30 -20.45
N ALA C 67 29.64 -18.63 -19.16
CA ALA C 67 28.66 -19.39 -18.39
C ALA C 67 28.72 -18.87 -16.95
N MET C 68 28.03 -17.76 -16.71
CA MET C 68 28.17 -17.02 -15.46
C MET C 68 27.17 -17.50 -14.43
N GLY C 69 27.66 -17.77 -13.22
CA GLY C 69 26.77 -18.17 -12.15
C GLY C 69 26.31 -16.92 -11.40
N VAL C 70 25.00 -16.75 -11.29
CA VAL C 70 24.45 -15.50 -10.77
C VAL C 70 23.46 -15.78 -9.65
N ASN C 71 23.43 -14.87 -8.69
CA ASN C 71 22.38 -14.80 -7.68
C ASN C 71 21.33 -13.83 -8.21
N LEU C 72 20.15 -14.34 -8.56
CA LEU C 72 19.14 -13.50 -9.19
C LEU C 72 18.70 -12.38 -8.25
N THR C 73 18.65 -12.65 -6.94
CA THR C 73 18.19 -11.64 -5.99
C THR C 73 19.14 -10.46 -5.91
N SER C 74 20.45 -10.72 -5.85
CA SER C 74 21.41 -9.62 -5.79
C SER C 74 21.42 -8.79 -7.05
N MET C 75 21.34 -9.44 -8.22
CA MET C 75 21.35 -8.69 -9.47
C MET C 75 20.07 -7.89 -9.64
N SER C 76 18.95 -8.41 -9.14
CA SER C 76 17.71 -7.63 -9.15
C SER C 76 17.78 -6.47 -8.17
N LYS C 77 18.41 -6.70 -7.01
CA LYS C 77 18.65 -5.60 -6.06
C LYS C 77 19.45 -4.48 -6.72
N ILE C 78 20.46 -4.86 -7.50
CA ILE C 78 21.25 -3.86 -8.22
C ILE C 78 20.38 -3.16 -9.26
N LEU C 79 19.63 -3.93 -10.04
CA LEU C 79 18.82 -3.35 -11.11
C LEU C 79 17.66 -2.53 -10.56
N LYS C 80 17.27 -2.72 -9.30
CA LYS C 80 16.27 -1.86 -8.68
C LYS C 80 16.79 -0.43 -8.51
N CYS C 81 18.10 -0.23 -8.57
CA CYS C 81 18.72 1.09 -8.44
C CYS C 81 18.74 1.86 -9.75
N ALA C 82 18.20 1.30 -10.83
CA ALA C 82 18.20 1.93 -12.14
C ALA C 82 16.81 2.45 -12.44
N GLY C 83 16.73 3.68 -12.93
CA GLY C 83 15.45 4.23 -13.35
C GLY C 83 14.86 3.47 -14.52
N ASN C 84 13.53 3.58 -14.64
CA ASN C 84 12.82 2.83 -15.66
C ASN C 84 13.19 3.26 -17.08
N GLU C 85 13.68 4.48 -17.26
CA GLU C 85 14.04 5.01 -18.58
C GLU C 85 15.56 5.13 -18.73
N ASP C 86 16.31 4.26 -18.06
CA ASP C 86 17.76 4.31 -18.10
C ASP C 86 18.31 3.33 -19.13
N ILE C 87 19.56 3.59 -19.53
CA ILE C 87 20.29 2.74 -20.47
C ILE C 87 21.25 1.88 -19.68
N ILE C 88 21.17 0.56 -19.86
CA ILE C 88 21.91 -0.39 -19.03
C ILE C 88 22.95 -1.10 -19.88
N THR C 89 24.18 -1.15 -19.37
CA THR C 89 25.29 -1.83 -20.01
C THR C 89 25.86 -2.88 -19.08
N LEU C 90 26.05 -4.09 -19.60
CA LEU C 90 26.66 -5.19 -18.87
C LEU C 90 28.05 -5.47 -19.43
N ARG C 91 29.00 -5.70 -18.53
CA ARG C 91 30.40 -5.89 -18.91
C ARG C 91 31.04 -6.92 -18.00
N ALA C 92 31.89 -7.77 -18.57
CA ALA C 92 32.58 -8.78 -17.79
C ALA C 92 33.75 -9.38 -18.56
N GLU C 93 34.95 -9.34 -17.98
CA GLU C 93 36.10 -9.91 -18.64
C GLU C 93 36.04 -11.44 -18.57
N ASP C 94 36.92 -12.08 -19.34
CA ASP C 94 36.93 -13.54 -19.45
C ASP C 94 37.19 -14.21 -18.11
N ASN C 95 38.44 -14.16 -17.64
CA ASN C 95 38.80 -14.79 -16.38
C ASN C 95 38.56 -13.82 -15.21
N ALA C 96 37.32 -13.34 -15.15
CA ALA C 96 36.89 -12.40 -14.12
C ALA C 96 35.85 -13.05 -13.22
N ASP C 97 35.80 -12.57 -11.98
CA ASP C 97 34.82 -13.04 -11.01
C ASP C 97 33.76 -11.99 -10.70
N THR C 98 33.75 -10.86 -11.41
CA THR C 98 32.80 -9.80 -11.18
C THR C 98 32.11 -9.39 -12.48
N LEU C 99 30.91 -8.86 -12.33
CA LEU C 99 30.09 -8.36 -13.43
C LEU C 99 29.80 -6.89 -13.18
N ALA C 100 30.15 -6.04 -14.14
CA ALA C 100 29.94 -4.60 -14.05
C ALA C 100 28.65 -4.21 -14.73
N LEU C 101 27.82 -3.43 -14.04
CA LEU C 101 26.56 -2.93 -14.55
C LEU C 101 26.59 -1.41 -14.52
N VAL C 102 26.27 -0.78 -15.65
CA VAL C 102 26.33 0.67 -15.79
C VAL C 102 24.95 1.18 -16.17
N PHE C 103 24.42 2.09 -15.36
CA PHE C 103 23.13 2.74 -15.58
C PHE C 103 23.36 4.19 -15.97
N GLU C 104 22.83 4.59 -17.14
CA GLU C 104 22.95 5.95 -17.62
C GLU C 104 21.55 6.56 -17.70
N ALA C 105 21.36 7.69 -17.04
CA ALA C 105 20.06 8.33 -16.95
C ALA C 105 19.68 8.94 -18.30
N PRO C 106 18.39 9.24 -18.52
CA PRO C 106 18.03 9.93 -19.76
C PRO C 106 18.76 11.26 -19.91
N ASN C 107 18.72 12.11 -18.89
CA ASN C 107 19.62 13.26 -18.88
C ASN C 107 21.04 12.75 -18.68
N GLN C 108 21.98 13.30 -19.43
CA GLN C 108 23.36 12.87 -19.34
C GLN C 108 24.09 13.49 -18.15
N GLU C 109 23.48 13.43 -16.96
CA GLU C 109 24.08 13.99 -15.76
C GLU C 109 24.31 12.98 -14.63
N LYS C 110 23.60 11.85 -14.62
CA LYS C 110 23.81 10.81 -13.61
C LYS C 110 24.31 9.53 -14.27
N VAL C 111 25.44 9.03 -13.81
CA VAL C 111 26.02 7.77 -14.28
C VAL C 111 26.31 6.90 -13.07
N SER C 112 25.76 5.69 -13.06
CA SER C 112 25.94 4.76 -11.94
C SER C 112 26.67 3.51 -12.41
N ASP C 113 27.59 3.02 -11.60
CA ASP C 113 28.29 1.77 -11.89
C ASP C 113 28.26 0.86 -10.66
N TYR C 114 28.20 -0.45 -10.92
CA TYR C 114 28.12 -1.47 -9.89
C TYR C 114 28.97 -2.67 -10.28
N GLU C 115 29.58 -3.31 -9.29
CA GLU C 115 30.38 -4.51 -9.50
C GLU C 115 29.83 -5.62 -8.60
N MET C 116 29.20 -6.62 -9.22
CA MET C 116 28.60 -7.72 -8.50
C MET C 116 29.48 -8.97 -8.58
N LYS C 117 29.52 -9.71 -7.47
CA LYS C 117 30.36 -10.91 -7.38
C LYS C 117 29.67 -12.10 -8.05
N LEU C 118 30.43 -12.84 -8.84
CA LEU C 118 29.94 -14.05 -9.49
C LEU C 118 30.19 -15.27 -8.60
N MET C 119 29.68 -16.41 -9.05
CA MET C 119 29.74 -17.64 -8.27
C MET C 119 29.80 -18.84 -9.21
N ASP C 120 30.48 -19.90 -8.76
CA ASP C 120 30.54 -21.16 -9.47
C ASP C 120 29.37 -22.03 -9.04
N LEU C 121 28.56 -22.46 -10.00
CA LEU C 121 27.35 -23.22 -9.69
C LEU C 121 27.33 -24.56 -10.43
N ASP C 122 26.47 -25.45 -9.94
CA ASP C 122 26.22 -26.75 -10.55
C ASP C 122 24.76 -26.77 -11.00
N VAL C 123 24.52 -26.31 -12.21
CA VAL C 123 23.16 -26.19 -12.75
C VAL C 123 22.85 -27.42 -13.57
N GLU C 124 21.74 -28.10 -13.23
CA GLU C 124 21.27 -29.26 -13.99
C GLU C 124 20.43 -28.77 -15.16
N GLN C 125 20.97 -28.92 -16.37
CA GLN C 125 20.33 -28.41 -17.58
C GLN C 125 19.65 -29.56 -18.31
N LEU C 126 18.35 -29.44 -18.54
CA LEU C 126 17.58 -30.42 -19.27
C LEU C 126 17.53 -30.07 -20.75
N GLY C 127 17.23 -31.08 -21.56
CA GLY C 127 17.06 -30.88 -22.99
C GLY C 127 15.60 -30.90 -23.40
N ILE C 128 15.03 -29.73 -23.67
CA ILE C 128 13.64 -29.60 -24.07
C ILE C 128 13.59 -29.57 -25.59
N PRO C 129 13.04 -30.58 -26.25
CA PRO C 129 12.97 -30.57 -27.71
C PRO C 129 11.85 -29.69 -28.24
N GLU C 130 12.07 -29.17 -29.44
CA GLU C 130 11.04 -28.38 -30.10
C GLU C 130 9.87 -29.27 -30.51
N GLN C 131 8.66 -28.82 -30.21
CA GLN C 131 7.46 -29.62 -30.48
C GLN C 131 6.25 -28.71 -30.51
N GLU C 132 5.22 -29.16 -31.21
CA GLU C 132 3.93 -28.48 -31.23
C GLU C 132 3.02 -29.12 -30.20
N TYR C 133 2.10 -28.32 -29.66
CA TYR C 133 1.20 -28.75 -28.60
C TYR C 133 -0.23 -28.83 -29.13
N SER C 134 -1.09 -29.48 -28.34
CA SER C 134 -2.44 -29.75 -28.81
C SER C 134 -3.30 -28.49 -28.82
N CYS C 135 -3.13 -27.60 -27.84
CA CYS C 135 -3.86 -26.34 -27.88
C CYS C 135 -2.97 -25.22 -27.35
N VAL C 136 -3.02 -24.09 -28.04
CA VAL C 136 -2.28 -22.88 -27.68
C VAL C 136 -3.28 -21.74 -27.56
N VAL C 137 -3.32 -21.10 -26.40
CA VAL C 137 -4.27 -20.03 -26.10
C VAL C 137 -3.49 -18.75 -25.80
N LYS C 138 -3.77 -17.70 -26.56
CA LYS C 138 -3.19 -16.38 -26.32
C LYS C 138 -4.26 -15.49 -25.67
N MET C 139 -3.92 -14.86 -24.56
CA MET C 139 -4.89 -14.06 -23.83
C MET C 139 -4.17 -12.94 -23.11
N PRO C 140 -4.88 -11.89 -22.70
CA PRO C 140 -4.23 -10.78 -21.98
C PRO C 140 -3.49 -11.25 -20.74
N SER C 141 -2.28 -10.72 -20.56
CA SER C 141 -1.45 -11.08 -19.42
C SER C 141 -2.16 -10.75 -18.11
N GLY C 142 -2.69 -9.54 -18.00
CA GLY C 142 -3.35 -9.13 -16.77
C GLY C 142 -4.58 -9.96 -16.46
N GLU C 143 -5.29 -10.41 -17.49
CA GLU C 143 -6.47 -11.26 -17.24
C GLU C 143 -6.06 -12.62 -16.71
N PHE C 144 -5.00 -13.22 -17.28
CA PHE C 144 -4.50 -14.48 -16.74
C PHE C 144 -4.03 -14.32 -15.30
N ALA C 145 -3.30 -13.24 -15.01
CA ALA C 145 -2.85 -13.01 -13.65
C ALA C 145 -4.04 -12.82 -12.70
N ARG C 146 -5.07 -12.10 -13.15
CA ARG C 146 -6.27 -11.92 -12.34
C ARG C 146 -6.94 -13.26 -12.07
N ILE C 147 -7.05 -14.12 -13.09
CA ILE C 147 -7.68 -15.42 -12.92
C ILE C 147 -6.91 -16.27 -11.91
N CYS C 148 -5.58 -16.31 -12.04
CA CYS C 148 -4.77 -17.10 -11.11
C CYS C 148 -4.86 -16.55 -9.69
N ARG C 149 -4.81 -15.24 -9.54
CA ARG C 149 -4.91 -14.64 -8.21
C ARG C 149 -6.27 -14.94 -7.57
N ASP C 150 -7.35 -14.80 -8.35
CA ASP C 150 -8.68 -15.06 -7.82
C ASP C 150 -8.85 -16.53 -7.42
N LEU C 151 -8.31 -17.44 -8.23
CA LEU C 151 -8.44 -18.87 -7.91
C LEU C 151 -7.54 -19.30 -6.76
N SER C 152 -6.43 -18.60 -6.51
CA SER C 152 -5.60 -18.92 -5.36
C SER C 152 -6.35 -18.71 -4.04
N HIS C 153 -7.35 -17.85 -4.02
CA HIS C 153 -8.22 -17.70 -2.85
C HIS C 153 -9.13 -18.89 -2.62
N ILE C 154 -9.24 -19.81 -3.59
CA ILE C 154 -10.18 -20.92 -3.48
C ILE C 154 -9.46 -22.21 -3.11
N GLY C 155 -8.52 -22.64 -3.96
CA GLY C 155 -7.81 -23.87 -3.71
C GLY C 155 -6.31 -23.78 -3.92
N ASP C 156 -5.64 -24.92 -3.98
CA ASP C 156 -4.20 -24.97 -4.18
C ASP C 156 -3.81 -25.51 -5.55
N ALA C 157 -4.75 -26.10 -6.28
CA ALA C 157 -4.49 -26.62 -7.61
C ALA C 157 -5.63 -26.21 -8.53
N VAL C 158 -5.28 -25.88 -9.77
CA VAL C 158 -6.26 -25.45 -10.78
C VAL C 158 -6.31 -26.48 -11.89
N VAL C 159 -7.52 -26.80 -12.32
CA VAL C 159 -7.76 -27.69 -13.46
C VAL C 159 -8.23 -26.81 -14.61
N ILE C 160 -7.43 -26.71 -15.66
CA ILE C 160 -7.79 -25.93 -16.83
C ILE C 160 -8.22 -26.86 -17.96
N SER C 161 -9.35 -26.54 -18.58
CA SER C 161 -9.95 -27.29 -19.67
C SER C 161 -9.95 -26.38 -20.90
N CYS C 162 -9.28 -26.84 -21.95
CA CYS C 162 -9.04 -26.06 -23.16
C CYS C 162 -9.75 -26.72 -24.34
N ALA C 163 -10.63 -25.95 -24.99
CA ALA C 163 -11.30 -26.38 -26.21
C ALA C 163 -11.23 -25.23 -27.22
N LYS C 164 -12.05 -25.31 -28.26
CA LYS C 164 -12.06 -24.27 -29.29
C LYS C 164 -12.95 -23.09 -28.92
N ASP C 165 -14.01 -23.34 -28.15
CA ASP C 165 -14.93 -22.26 -27.77
C ASP C 165 -14.34 -21.37 -26.68
N GLY C 166 -13.52 -21.93 -25.79
CA GLY C 166 -12.93 -21.13 -24.74
C GLY C 166 -12.13 -21.99 -23.79
N VAL C 167 -11.74 -21.38 -22.68
CA VAL C 167 -10.96 -22.01 -21.64
C VAL C 167 -11.75 -21.96 -20.34
N LYS C 168 -11.51 -22.93 -19.47
CA LYS C 168 -12.20 -23.00 -18.19
C LYS C 168 -11.19 -23.31 -17.10
N PHE C 169 -11.20 -22.51 -16.04
CA PHE C 169 -10.30 -22.66 -14.91
C PHE C 169 -11.12 -23.05 -13.69
N SER C 170 -10.89 -24.25 -13.17
CA SER C 170 -11.63 -24.77 -12.03
C SER C 170 -10.71 -24.94 -10.82
N ALA C 171 -11.29 -24.73 -9.63
CA ALA C 171 -10.52 -24.88 -8.40
C ALA C 171 -11.47 -25.13 -7.24
N SER C 172 -11.10 -26.08 -6.37
CA SER C 172 -11.94 -26.45 -5.23
C SER C 172 -11.15 -26.33 -3.94
N GLY C 173 -11.87 -26.00 -2.86
CA GLY C 173 -11.28 -25.86 -1.54
C GLY C 173 -12.28 -26.14 -0.43
N GLU C 174 -11.88 -25.88 0.83
CA GLU C 174 -12.77 -26.17 1.96
C GLU C 174 -14.05 -25.35 1.91
N LEU C 175 -13.95 -24.09 1.45
CA LEU C 175 -15.14 -23.26 1.37
C LEU C 175 -16.07 -23.68 0.24
N GLY C 176 -15.52 -24.29 -0.80
CA GLY C 176 -16.34 -24.75 -1.91
C GLY C 176 -15.56 -25.01 -3.19
N ASN C 177 -16.15 -24.64 -4.32
CA ASN C 177 -15.51 -24.80 -5.62
C ASN C 177 -15.84 -23.60 -6.49
N GLY C 178 -15.16 -23.51 -7.62
CA GLY C 178 -15.36 -22.37 -8.52
C GLY C 178 -14.83 -22.64 -9.90
N ASN C 179 -15.49 -22.03 -10.89
CA ASN C 179 -15.12 -22.11 -12.30
C ASN C 179 -15.09 -20.72 -12.90
N ILE C 180 -14.11 -20.48 -13.76
CA ILE C 180 -13.97 -19.22 -14.49
C ILE C 180 -13.84 -19.56 -15.97
N LYS C 181 -14.81 -19.14 -16.78
CA LYS C 181 -14.86 -19.47 -18.20
C LYS C 181 -14.58 -18.24 -19.04
N LEU C 182 -13.62 -18.37 -19.96
CA LEU C 182 -13.26 -17.33 -20.92
C LEU C 182 -13.64 -17.81 -22.31
N SER C 183 -14.45 -17.03 -23.02
CA SER C 183 -14.98 -17.42 -24.32
C SER C 183 -14.10 -16.89 -25.45
N GLN C 184 -14.07 -17.66 -26.55
CA GLN C 184 -13.33 -17.28 -27.73
C GLN C 184 -13.77 -15.92 -28.24
N THR C 185 -12.82 -15.00 -28.39
CA THR C 185 -13.09 -13.62 -28.81
C THR C 185 -12.46 -13.39 -30.18
N SER C 186 -13.27 -13.49 -31.22
CA SER C 186 -12.84 -13.15 -32.58
C SER C 186 -13.51 -11.88 -33.09
N ASN C 187 -14.42 -11.30 -32.32
CA ASN C 187 -15.20 -10.16 -32.80
C ASN C 187 -14.43 -8.84 -32.74
N VAL C 188 -13.50 -8.71 -31.80
CA VAL C 188 -12.72 -7.48 -31.68
C VAL C 188 -11.35 -7.69 -32.31
N ASP C 189 -10.89 -6.68 -33.04
CA ASP C 189 -9.64 -6.77 -33.78
C ASP C 189 -8.42 -6.56 -32.90
N LYS C 190 -8.56 -5.81 -31.80
CA LYS C 190 -7.42 -5.47 -30.97
C LYS C 190 -6.87 -6.73 -30.30
N GLU C 191 -5.60 -7.04 -30.60
CA GLU C 191 -4.96 -8.24 -30.08
C GLU C 191 -4.57 -8.13 -28.62
N GLU C 192 -4.60 -6.93 -28.03
CA GLU C 192 -4.26 -6.78 -26.62
C GLU C 192 -5.27 -7.48 -25.72
N GLU C 193 -6.53 -7.01 -25.74
CA GLU C 193 -7.59 -7.59 -24.93
C GLU C 193 -8.34 -8.73 -25.62
N ALA C 194 -7.68 -9.49 -26.50
CA ALA C 194 -8.36 -10.56 -27.21
C ALA C 194 -7.77 -11.91 -26.84
N VAL C 195 -8.61 -12.93 -26.82
CA VAL C 195 -8.23 -14.31 -26.50
C VAL C 195 -8.42 -15.15 -27.76
N THR C 196 -7.31 -15.60 -28.34
CA THR C 196 -7.33 -16.49 -29.50
C THR C 196 -6.94 -17.89 -29.08
N ILE C 197 -7.55 -18.89 -29.73
CA ILE C 197 -7.34 -20.29 -29.39
C ILE C 197 -7.07 -21.06 -30.67
N GLU C 198 -5.93 -21.76 -30.72
CA GLU C 198 -5.63 -22.70 -31.80
C GLU C 198 -5.58 -24.09 -31.19
N MET C 199 -6.57 -24.92 -31.51
CA MET C 199 -6.80 -26.19 -30.84
C MET C 199 -6.78 -27.34 -31.84
N ASN C 200 -6.08 -28.41 -31.47
CA ASN C 200 -6.13 -29.67 -32.21
C ASN C 200 -7.00 -30.71 -31.52
N GLU C 201 -6.86 -30.85 -30.20
CA GLU C 201 -7.69 -31.72 -29.39
C GLU C 201 -7.88 -31.06 -28.03
N PRO C 202 -9.09 -31.07 -27.48
CA PRO C 202 -9.30 -30.48 -26.15
C PRO C 202 -8.44 -31.16 -25.09
N VAL C 203 -7.98 -30.37 -24.13
CA VAL C 203 -7.00 -30.83 -23.15
C VAL C 203 -7.43 -30.36 -21.77
N GLN C 204 -7.44 -31.29 -20.80
CA GLN C 204 -7.76 -30.96 -19.42
C GLN C 204 -6.56 -31.34 -18.56
N LEU C 205 -6.02 -30.37 -17.82
CA LEU C 205 -4.83 -30.60 -17.01
C LEU C 205 -4.98 -29.94 -15.65
N THR C 206 -4.08 -30.31 -14.74
CA THR C 206 -4.11 -29.80 -13.36
C THR C 206 -2.70 -29.36 -12.97
N PHE C 207 -2.62 -28.18 -12.37
CA PHE C 207 -1.34 -27.60 -11.97
C PHE C 207 -1.50 -26.93 -10.61
N ALA C 208 -0.37 -26.52 -10.04
CA ALA C 208 -0.37 -25.86 -8.74
C ALA C 208 -0.46 -24.35 -8.94
N LEU C 209 -1.40 -23.72 -8.22
CA LEU C 209 -1.59 -22.27 -8.33
C LEU C 209 -0.39 -21.51 -7.80
N ARG C 210 0.38 -22.12 -6.91
CA ARG C 210 1.59 -21.51 -6.37
C ARG C 210 2.55 -21.13 -7.49
N TYR C 211 2.87 -22.09 -8.35
CA TYR C 211 3.82 -21.86 -9.43
C TYR C 211 3.27 -20.87 -10.45
N LEU C 212 1.96 -20.93 -10.73
CA LEU C 212 1.39 -19.99 -11.69
C LEU C 212 1.38 -18.56 -11.14
N ASN C 213 1.17 -18.41 -9.84
CA ASN C 213 1.25 -17.08 -9.23
C ASN C 213 2.67 -16.55 -9.27
N PHE C 214 3.66 -17.41 -9.09
CA PHE C 214 5.05 -16.96 -9.31
C PHE C 214 5.30 -16.64 -10.78
N PHE C 215 4.67 -17.38 -11.69
CA PHE C 215 4.85 -17.16 -13.13
C PHE C 215 4.32 -15.79 -13.55
N THR C 216 3.13 -15.44 -13.05
CA THR C 216 2.45 -14.22 -13.48
C THR C 216 3.19 -12.95 -13.10
N LYS C 217 4.32 -13.08 -12.40
CA LYS C 217 5.15 -11.92 -12.10
C LYS C 217 5.85 -11.38 -13.35
N ALA C 218 5.75 -12.08 -14.49
CA ALA C 218 6.25 -11.59 -15.76
C ALA C 218 5.19 -10.84 -16.55
N THR C 219 4.13 -10.38 -15.88
CA THR C 219 3.05 -9.67 -16.57
C THR C 219 3.50 -8.37 -17.22
N PRO C 220 4.27 -7.48 -16.56
CA PRO C 220 4.63 -6.21 -17.22
C PRO C 220 5.52 -6.37 -18.44
N LEU C 221 6.04 -7.57 -18.71
CA LEU C 221 6.92 -7.74 -19.86
C LEU C 221 6.15 -7.66 -21.18
N SER C 222 4.97 -8.26 -21.23
CA SER C 222 4.20 -8.32 -22.46
C SER C 222 2.73 -8.03 -22.17
N SER C 223 2.02 -7.61 -23.22
CA SER C 223 0.59 -7.35 -23.09
C SER C 223 -0.22 -8.64 -23.10
N THR C 224 0.26 -9.65 -23.80
CA THR C 224 -0.42 -10.93 -23.89
C THR C 224 0.50 -12.06 -23.40
N VAL C 225 -0.13 -13.17 -23.03
CA VAL C 225 0.54 -14.36 -22.56
C VAL C 225 0.04 -15.54 -23.39
N THR C 226 0.91 -16.53 -23.56
CA THR C 226 0.60 -17.71 -24.37
C THR C 226 0.70 -18.97 -23.52
N LEU C 227 -0.43 -19.67 -23.37
CA LEU C 227 -0.48 -20.95 -22.67
C LEU C 227 -0.47 -22.05 -23.73
N SER C 228 0.63 -22.79 -23.80
CA SER C 228 0.76 -23.90 -24.74
C SER C 228 0.73 -25.23 -23.97
N MET C 229 -0.03 -26.20 -24.49
CA MET C 229 -0.11 -27.47 -23.78
C MET C 229 -0.63 -28.58 -24.69
N SER C 230 -0.22 -29.79 -24.35
CA SER C 230 -0.74 -31.03 -24.93
C SER C 230 -1.05 -31.99 -23.79
N ALA C 231 -1.48 -33.20 -24.15
CA ALA C 231 -1.94 -34.17 -23.17
C ALA C 231 -0.77 -34.69 -22.32
N ASP C 232 -0.87 -34.49 -21.01
CA ASP C 232 0.08 -35.07 -20.04
C ASP C 232 1.51 -34.61 -20.30
N VAL C 233 1.67 -33.34 -20.68
CA VAL C 233 2.99 -32.73 -20.80
C VAL C 233 2.95 -31.40 -20.06
N PRO C 234 4.10 -30.90 -19.61
CA PRO C 234 4.13 -29.65 -18.86
C PRO C 234 3.55 -28.49 -19.66
N LEU C 235 2.81 -27.63 -18.95
CA LEU C 235 2.31 -26.39 -19.51
C LEU C 235 3.47 -25.43 -19.79
N VAL C 236 3.31 -24.62 -20.83
CA VAL C 236 4.30 -23.61 -21.20
C VAL C 236 3.61 -22.25 -21.15
N VAL C 237 3.98 -21.43 -20.18
CA VAL C 237 3.51 -20.06 -20.07
C VAL C 237 4.58 -19.16 -20.70
N GLU C 238 4.26 -18.55 -21.83
CA GLU C 238 5.23 -17.81 -22.62
C GLU C 238 4.89 -16.33 -22.64
N TYR C 239 5.91 -15.51 -22.36
CA TYR C 239 5.84 -14.05 -22.48
C TYR C 239 6.84 -13.61 -23.53
N LYS C 240 6.37 -12.95 -24.58
CA LYS C 240 7.23 -12.51 -25.67
C LYS C 240 7.82 -11.15 -25.29
N ILE C 241 9.13 -11.12 -25.07
CA ILE C 241 9.85 -9.88 -24.80
C ILE C 241 10.11 -9.18 -26.14
N ALA C 242 9.47 -8.02 -26.34
CA ALA C 242 9.41 -7.30 -27.60
C ALA C 242 10.76 -7.25 -28.31
N ASP C 243 10.80 -7.83 -29.52
CA ASP C 243 11.97 -7.84 -30.40
C ASP C 243 13.13 -8.65 -29.82
N MET C 244 13.34 -8.57 -28.51
CA MET C 244 14.44 -9.27 -27.86
C MET C 244 14.32 -10.78 -27.96
N GLY C 245 13.30 -11.34 -27.31
CA GLY C 245 13.18 -12.78 -27.28
C GLY C 245 11.95 -13.25 -26.55
N HIS C 246 12.14 -14.25 -25.68
CA HIS C 246 11.00 -14.82 -24.97
C HIS C 246 11.40 -15.27 -23.58
N LEU C 247 10.39 -15.48 -22.75
CA LEU C 247 10.58 -16.00 -21.40
C LEU C 247 9.44 -16.99 -21.15
N LYS C 248 9.78 -18.28 -21.08
CA LYS C 248 8.79 -19.33 -20.92
C LYS C 248 8.98 -20.06 -19.60
N TYR C 249 7.86 -20.44 -19.01
CA TYR C 249 7.80 -21.18 -17.75
C TYR C 249 7.13 -22.52 -18.00
N TYR C 250 7.86 -23.60 -17.78
CA TYR C 250 7.34 -24.96 -17.87
C TYR C 250 6.83 -25.39 -16.51
N LEU C 251 5.62 -25.94 -16.47
CA LEU C 251 5.01 -26.35 -15.20
C LEU C 251 4.50 -27.78 -15.33
N ALA C 252 4.94 -28.65 -14.42
CA ALA C 252 4.60 -30.05 -14.47
C ALA C 252 3.16 -30.28 -14.01
N PRO C 253 2.41 -31.13 -14.71
CA PRO C 253 0.99 -31.35 -14.36
C PRO C 253 0.80 -32.26 -13.16
N LYS C 254 -0.45 -32.66 -12.92
CA LYS C 254 -0.82 -33.63 -11.90
C LYS C 254 -1.50 -34.81 -12.56
N ILE C 255 -0.97 -36.02 -12.32
CA ILE C 255 -1.40 -37.22 -13.01
C ILE C 255 -2.23 -38.10 -12.07
N GLU C 256 -3.06 -38.95 -12.68
CA GLU C 256 -3.97 -39.84 -11.97
C GLU C 256 -3.39 -41.24 -11.87
N ASP C 257 -3.45 -41.83 -10.67
CA ASP C 257 -2.86 -43.14 -10.42
C ASP C 257 -3.74 -44.25 -11.00
N LYS D 1 -7.13 -40.05 -9.97
CA LYS D 1 -6.40 -39.71 -8.76
C LYS D 1 -5.54 -38.46 -8.97
N ARG D 2 -4.72 -38.12 -7.98
CA ARG D 2 -3.96 -36.88 -7.99
C ARG D 2 -2.53 -37.13 -7.53
N ARG D 3 -1.55 -36.79 -8.38
CA ARG D 3 -0.14 -36.94 -8.05
C ARG D 3 0.67 -35.83 -8.70
N GLN D 4 1.52 -35.15 -7.92
CA GLN D 4 2.40 -34.10 -8.47
C GLN D 4 3.68 -34.71 -9.06
N THR D 5 3.92 -34.44 -10.34
CA THR D 5 5.12 -34.90 -11.04
C THR D 5 6.16 -33.78 -11.10
N SER D 6 7.34 -34.11 -11.64
CA SER D 6 8.45 -33.17 -11.78
C SER D 6 8.89 -33.10 -13.24
N MET D 7 9.77 -32.14 -13.53
CA MET D 7 10.28 -31.97 -14.90
C MET D 7 11.14 -33.15 -15.33
N THR D 8 11.92 -33.73 -14.40
CA THR D 8 12.79 -34.84 -14.74
C THR D 8 12.01 -36.03 -15.29
N ASP D 9 10.74 -36.16 -14.89
CA ASP D 9 9.91 -37.25 -15.37
C ASP D 9 9.56 -37.12 -16.84
N PHE D 10 9.71 -35.93 -17.43
CA PHE D 10 9.38 -35.71 -18.84
C PHE D 10 10.60 -35.47 -19.72
N TYR D 11 11.60 -34.75 -19.21
CA TYR D 11 12.74 -34.42 -20.04
C TYR D 11 13.99 -35.05 -19.44
N HIS D 12 15.08 -34.97 -20.20
CA HIS D 12 16.30 -35.66 -19.86
C HIS D 12 17.43 -34.65 -19.71
N SER D 13 18.48 -35.07 -19.01
CA SER D 13 19.57 -34.15 -18.74
C SER D 13 20.61 -34.26 -19.84
N LYS D 14 21.47 -33.26 -19.91
CA LYS D 14 22.51 -33.22 -20.92
C LYS D 14 23.78 -33.86 -20.37
N ARG D 15 24.29 -34.84 -21.09
CA ARG D 15 25.48 -35.60 -20.69
C ARG D 15 25.31 -36.22 -19.31
N MET E 1 1.63 34.35 27.43
CA MET E 1 0.62 33.94 26.47
C MET E 1 1.21 33.79 25.07
N PHE E 2 0.82 32.72 24.37
CA PHE E 2 1.34 32.42 23.04
C PHE E 2 0.18 32.02 22.13
N GLU E 3 0.12 32.63 20.94
CA GLU E 3 -0.90 32.31 19.97
C GLU E 3 -0.32 32.53 18.58
N ALA E 4 -0.61 31.62 17.65
CA ALA E 4 -0.08 31.71 16.30
C ALA E 4 -1.02 31.02 15.33
N ARG E 5 -1.48 31.74 14.33
CA ARG E 5 -2.36 31.20 13.30
C ARG E 5 -1.62 31.13 11.97
N LEU E 6 -1.80 30.00 11.28
CA LEU E 6 -1.22 29.76 9.98
C LEU E 6 -2.26 29.14 9.05
N VAL E 7 -2.43 29.75 7.87
CA VAL E 7 -3.41 29.25 6.90
C VAL E 7 -2.83 28.07 6.12
N GLN E 8 -1.57 28.18 5.71
CA GLN E 8 -0.91 27.10 4.96
C GLN E 8 -0.42 26.07 5.97
N GLY E 9 -1.39 25.44 6.65
CA GLY E 9 -1.09 24.53 7.73
C GLY E 9 -0.46 23.24 7.30
N SER E 10 -0.61 22.86 6.02
CA SER E 10 0.05 21.65 5.51
C SER E 10 1.53 21.65 5.87
N ILE E 11 2.17 22.82 5.81
CA ILE E 11 3.58 22.95 6.23
C ILE E 11 3.79 22.27 7.57
N LEU E 12 3.08 22.74 8.59
CA LEU E 12 3.19 22.15 9.92
C LEU E 12 2.94 20.65 9.87
N LYS E 13 1.87 20.25 9.18
CA LYS E 13 1.55 18.84 9.06
C LYS E 13 2.71 18.07 8.46
N LYS E 14 3.30 18.61 7.39
CA LYS E 14 4.48 17.99 6.81
C LYS E 14 5.63 17.95 7.79
N VAL E 15 5.83 19.04 8.54
CA VAL E 15 6.98 19.16 9.43
C VAL E 15 7.06 17.98 10.39
N LEU E 16 5.96 17.70 11.09
CA LEU E 16 6.01 16.63 12.08
C LEU E 16 6.15 15.26 11.43
N GLU E 17 5.68 15.12 10.19
CA GLU E 17 5.88 13.86 9.50
C GLU E 17 7.35 13.58 9.26
N ALA E 18 8.18 14.62 9.25
CA ALA E 18 9.62 14.43 9.15
C ALA E 18 10.27 14.14 10.49
N LEU E 19 9.61 14.50 11.59
CA LEU E 19 10.24 14.42 12.92
C LEU E 19 9.77 13.24 13.75
N LYS E 20 8.51 12.82 13.61
CA LYS E 20 7.92 11.87 14.55
C LYS E 20 8.67 10.53 14.58
N ASP E 21 9.24 10.11 13.45
CA ASP E 21 9.87 8.79 13.40
C ASP E 21 11.31 8.79 13.90
N LEU E 22 12.00 9.95 13.88
CA LEU E 22 13.38 10.02 14.33
C LEU E 22 13.51 10.52 15.76
N ILE E 23 12.76 11.57 16.12
CA ILE E 23 12.74 12.09 17.48
C ILE E 23 11.37 11.80 18.07
N ASN E 24 11.36 11.36 19.33
CA ASN E 24 10.12 11.08 20.03
C ASN E 24 9.66 12.23 20.93
N GLU E 25 10.60 12.93 21.57
CA GLU E 25 10.26 14.02 22.46
C GLU E 25 11.24 15.16 22.23
N ALA E 26 10.73 16.38 22.12
CA ALA E 26 11.58 17.54 21.87
C ALA E 26 11.13 18.71 22.73
N CYS E 27 11.89 19.80 22.66
CA CYS E 27 11.61 21.02 23.44
C CYS E 27 11.52 22.19 22.47
N TRP E 28 10.29 22.64 22.22
CA TRP E 28 10.06 23.79 21.36
C TRP E 28 10.31 25.07 22.14
N ASP E 29 11.32 25.83 21.71
CA ASP E 29 11.60 27.14 22.28
C ASP E 29 10.80 28.18 21.50
N ILE E 30 9.94 28.90 22.20
CA ILE E 30 9.03 29.87 21.59
C ILE E 30 9.47 31.26 22.05
N SER E 31 9.74 32.14 21.09
CA SER E 31 10.15 33.51 21.39
C SER E 31 9.57 34.43 20.33
N SER E 32 9.75 35.73 20.56
CA SER E 32 9.21 36.74 19.64
C SER E 32 9.76 36.57 18.23
N SER E 33 10.99 36.07 18.12
CA SER E 33 11.55 35.79 16.79
C SER E 33 10.76 34.68 16.10
N GLY E 34 10.49 33.60 16.82
CA GLY E 34 9.74 32.51 16.25
C GLY E 34 9.74 31.23 17.07
N VAL E 35 9.92 30.10 16.38
CA VAL E 35 9.90 28.78 16.98
C VAL E 35 11.19 28.07 16.62
N ASN E 36 11.85 27.48 17.63
CA ASN E 36 13.08 26.74 17.43
C ASN E 36 12.93 25.37 18.07
N LEU E 37 13.65 24.39 17.52
CA LEU E 37 13.67 23.05 18.07
C LEU E 37 15.02 22.41 17.80
N GLN E 38 15.70 21.97 18.86
CA GLN E 38 16.95 21.23 18.73
C GLN E 38 16.84 19.98 19.58
N SER E 39 17.04 18.82 18.96
CA SER E 39 16.91 17.58 19.71
C SER E 39 17.70 16.48 19.02
N MET E 40 18.30 15.60 19.82
CA MET E 40 19.01 14.44 19.32
C MET E 40 18.09 13.22 19.36
N ASP E 41 18.45 12.20 18.59
CA ASP E 41 17.71 10.95 18.63
C ASP E 41 18.13 10.12 19.83
N SER E 42 17.48 8.96 20.00
CA SER E 42 17.82 8.09 21.12
C SER E 42 19.25 7.61 21.03
N SER E 43 19.75 7.39 19.81
CA SER E 43 21.09 6.86 19.60
C SER E 43 22.19 7.89 19.76
N HIS E 44 21.84 9.17 19.90
CA HIS E 44 22.79 10.28 19.98
C HIS E 44 23.69 10.37 18.75
N VAL E 45 23.33 9.72 17.66
CA VAL E 45 24.14 9.78 16.46
C VAL E 45 23.77 10.96 15.56
N SER E 46 22.49 11.36 15.56
CA SER E 46 22.03 12.44 14.72
C SER E 46 21.31 13.49 15.56
N LEU E 47 21.23 14.70 15.02
CA LEU E 47 20.58 15.83 15.66
C LEU E 47 19.70 16.53 14.63
N VAL E 48 18.56 17.04 15.09
CA VAL E 48 17.64 17.79 14.24
C VAL E 48 17.44 19.17 14.83
N GLN E 49 17.52 20.20 13.97
CA GLN E 49 17.30 21.58 14.38
C GLN E 49 16.38 22.26 13.37
N LEU E 50 15.19 22.63 13.83
CA LEU E 50 14.16 23.27 13.02
C LEU E 50 13.96 24.71 13.48
N THR E 51 13.86 25.61 12.51
CA THR E 51 13.62 27.03 12.79
C THR E 51 12.49 27.53 11.91
N LEU E 52 11.50 28.18 12.52
CA LEU E 52 10.39 28.80 11.79
C LEU E 52 10.19 30.21 12.35
N ARG E 53 10.43 31.23 11.53
CA ARG E 53 10.35 32.59 12.00
C ARG E 53 8.90 33.06 12.06
N SER E 54 8.69 34.14 12.82
CA SER E 54 7.34 34.67 12.98
C SER E 54 6.83 35.34 11.70
N GLU E 55 7.73 35.89 10.89
CA GLU E 55 7.32 36.60 9.68
C GLU E 55 6.56 35.67 8.72
N GLY E 56 6.92 34.39 8.70
CA GLY E 56 6.22 33.45 7.85
C GLY E 56 4.82 33.12 8.34
N PHE E 57 4.61 33.23 9.65
CA PHE E 57 3.30 32.97 10.23
C PHE E 57 2.32 34.06 9.82
N ASP E 58 1.04 33.68 9.74
CA ASP E 58 0.01 34.66 9.42
C ASP E 58 -0.32 35.55 10.61
N THR E 59 -0.41 34.99 11.81
CA THR E 59 -0.51 35.80 13.02
C THR E 59 0.36 35.16 14.09
N TYR E 60 1.04 35.99 14.88
CA TYR E 60 1.99 35.50 15.87
C TYR E 60 2.06 36.50 17.03
N ARG E 61 1.70 36.06 18.22
CA ARG E 61 1.81 36.84 19.44
C ARG E 61 2.39 35.97 20.55
N CYS E 62 3.38 36.49 21.27
CA CYS E 62 3.94 35.74 22.40
C CYS E 62 4.58 36.76 23.35
N ASP E 63 3.94 36.95 24.51
CA ASP E 63 4.42 37.95 25.45
C ASP E 63 5.62 37.42 26.25
N ARG E 64 5.49 36.24 26.83
CA ARG E 64 6.58 35.61 27.56
C ARG E 64 7.23 34.53 26.72
N ASN E 65 8.54 34.38 26.87
CA ASN E 65 9.27 33.32 26.19
C ASN E 65 8.99 31.97 26.85
N LEU E 66 8.79 30.95 26.03
CA LEU E 66 8.46 29.63 26.53
C LEU E 66 9.48 28.60 26.03
N ALA E 67 9.51 27.45 26.70
CA ALA E 67 10.37 26.33 26.31
C ALA E 67 9.59 25.07 26.67
N MET E 68 8.63 24.74 25.81
CA MET E 68 7.65 23.70 26.11
C MET E 68 8.08 22.35 25.53
N GLY E 69 8.07 21.32 26.36
CA GLY E 69 8.45 19.98 25.94
C GLY E 69 7.24 19.16 25.50
N VAL E 70 7.33 18.62 24.28
CA VAL E 70 6.21 17.91 23.69
C VAL E 70 6.68 16.55 23.18
N ASN E 71 5.75 15.59 23.18
CA ASN E 71 5.96 14.28 22.57
C ASN E 71 5.55 14.38 21.10
N LEU E 72 6.55 14.28 20.21
CA LEU E 72 6.30 14.48 18.78
C LEU E 72 5.33 13.46 18.20
N THR E 73 5.35 12.22 18.70
CA THR E 73 4.47 11.19 18.16
C THR E 73 3.00 11.52 18.43
N SER E 74 2.68 11.94 19.65
CA SER E 74 1.31 12.31 19.96
C SER E 74 0.88 13.55 19.19
N MET E 75 1.79 14.53 19.06
CA MET E 75 1.44 15.75 18.32
C MET E 75 1.26 15.46 16.84
N SER E 76 2.01 14.50 16.29
CA SER E 76 1.79 14.09 14.91
C SER E 76 0.45 13.36 14.77
N LYS E 77 0.10 12.54 15.76
CA LYS E 77 -1.24 11.96 15.77
C LYS E 77 -2.30 13.04 15.75
N ILE E 78 -2.07 14.13 16.48
CA ILE E 78 -3.00 15.26 16.48
C ILE E 78 -3.08 15.87 15.09
N LEU E 79 -1.92 16.15 14.48
CA LEU E 79 -1.90 16.80 13.18
C LEU E 79 -2.45 15.93 12.06
N LYS E 80 -2.47 14.60 12.25
CA LYS E 80 -3.15 13.74 11.29
C LYS E 80 -4.64 13.99 11.23
N CYS E 81 -5.20 14.62 12.27
CA CYS E 81 -6.62 14.92 12.34
C CYS E 81 -6.98 16.20 11.60
N ALA E 82 -6.01 16.86 10.98
CA ALA E 82 -6.24 18.12 10.28
C ALA E 82 -6.20 17.88 8.78
N GLY E 83 -7.20 18.42 8.08
CA GLY E 83 -7.20 18.36 6.63
C GLY E 83 -6.05 19.15 6.04
N ASN E 84 -5.69 18.78 4.81
CA ASN E 84 -4.54 19.42 4.16
C ASN E 84 -4.78 20.90 3.88
N GLU E 85 -6.04 21.32 3.79
CA GLU E 85 -6.38 22.71 3.49
C GLU E 85 -7.00 23.42 4.71
N ASP E 86 -6.60 23.05 5.91
CA ASP E 86 -7.16 23.65 7.12
C ASP E 86 -6.28 24.78 7.63
N ILE E 87 -6.88 25.65 8.43
CA ILE E 87 -6.18 26.74 9.10
C ILE E 87 -5.93 26.34 10.53
N ILE E 88 -4.67 26.37 10.95
CA ILE E 88 -4.25 25.83 12.24
C ILE E 88 -3.80 26.97 13.14
N THR E 89 -4.32 26.97 14.37
CA THR E 89 -3.95 27.95 15.38
C THR E 89 -3.41 27.22 16.60
N LEU E 90 -2.26 27.67 17.09
CA LEU E 90 -1.64 27.14 18.30
C LEU E 90 -1.76 28.17 19.41
N ARG E 91 -2.10 27.71 20.61
CA ARG E 91 -2.34 28.62 21.73
C ARG E 91 -1.85 27.93 23.01
N ALA E 92 -1.28 28.73 23.91
CA ALA E 92 -0.80 28.22 25.20
C ALA E 92 -0.57 29.40 26.12
N GLU E 93 -1.21 29.38 27.29
CA GLU E 93 -1.06 30.48 28.23
C GLU E 93 0.30 30.43 28.92
N ASP E 94 0.63 31.52 29.61
CA ASP E 94 1.92 31.65 30.27
C ASP E 94 2.04 30.60 31.36
N ASN E 95 3.16 29.87 31.36
CA ASN E 95 3.43 28.81 32.33
C ASN E 95 2.28 27.79 32.34
N ALA E 96 2.03 27.23 31.17
CA ALA E 96 0.96 26.25 30.98
C ALA E 96 1.56 24.89 30.65
N ASP E 97 0.79 23.85 30.96
CA ASP E 97 1.20 22.48 30.68
C ASP E 97 0.40 21.85 29.54
N THR E 98 -0.42 22.62 28.85
CA THR E 98 -1.20 22.13 27.73
C THR E 98 -1.03 23.04 26.53
N LEU E 99 -1.16 22.46 25.35
CA LEU E 99 -1.09 23.20 24.09
C LEU E 99 -2.38 22.97 23.31
N ALA E 100 -3.06 24.05 22.97
CA ALA E 100 -4.31 23.98 22.23
C ALA E 100 -4.02 24.18 20.74
N LEU E 101 -4.56 23.27 19.93
CA LEU E 101 -4.46 23.33 18.48
C LEU E 101 -5.87 23.35 17.91
N VAL E 102 -6.15 24.34 17.06
CA VAL E 102 -7.48 24.54 16.51
C VAL E 102 -7.37 24.44 15.00
N PHE E 103 -8.15 23.55 14.42
CA PHE E 103 -8.24 23.36 12.97
C PHE E 103 -9.60 23.90 12.52
N GLU E 104 -9.57 24.91 11.66
CA GLU E 104 -10.77 25.51 11.11
C GLU E 104 -10.75 25.36 9.58
N ALA E 105 -11.82 24.80 9.04
CA ALA E 105 -11.91 24.47 7.63
C ALA E 105 -12.09 25.72 6.77
N PRO E 106 -11.80 25.63 5.47
CA PRO E 106 -12.07 26.77 4.56
C PRO E 106 -13.53 27.19 4.55
N ASN E 107 -14.45 26.23 4.42
CA ASN E 107 -15.87 26.53 4.50
C ASN E 107 -16.29 27.03 5.87
N GLN E 108 -15.42 26.90 6.89
CA GLN E 108 -15.69 27.37 8.24
C GLN E 108 -17.00 26.79 8.78
N GLU E 109 -17.17 25.48 8.59
CA GLU E 109 -18.33 24.76 9.08
C GLU E 109 -17.96 23.65 10.04
N LYS E 110 -16.74 23.14 9.98
CA LYS E 110 -16.21 22.17 10.94
C LYS E 110 -15.07 22.83 11.67
N VAL E 111 -15.14 22.88 12.99
CA VAL E 111 -14.08 23.43 13.82
C VAL E 111 -13.71 22.39 14.84
N SER E 112 -12.44 21.99 14.86
CA SER E 112 -11.94 21.00 15.79
C SER E 112 -10.86 21.60 16.66
N ASP E 113 -10.87 21.27 17.95
CA ASP E 113 -9.83 21.71 18.86
C ASP E 113 -9.29 20.51 19.62
N TYR E 114 -8.00 20.60 19.96
CA TYR E 114 -7.31 19.53 20.67
C TYR E 114 -6.39 20.17 21.69
N GLU E 115 -6.27 19.54 22.85
CA GLU E 115 -5.35 19.99 23.89
C GLU E 115 -4.47 18.80 24.24
N MET E 116 -3.20 18.86 23.84
CA MET E 116 -2.29 17.77 24.10
C MET E 116 -1.47 18.10 25.34
N LYS E 117 -1.19 17.07 26.12
CA LYS E 117 -0.52 17.27 27.39
C LYS E 117 0.98 17.46 27.16
N LEU E 118 1.53 18.48 27.81
CA LEU E 118 2.96 18.74 27.76
C LEU E 118 3.65 18.00 28.90
N MET E 119 4.97 18.06 28.91
CA MET E 119 5.73 17.32 29.90
C MET E 119 7.06 18.02 30.15
N ASP E 120 7.52 17.94 31.40
CA ASP E 120 8.85 18.44 31.74
C ASP E 120 9.83 17.31 31.50
N LEU E 121 10.78 17.54 30.60
CA LEU E 121 11.71 16.54 30.13
C LEU E 121 13.14 17.03 30.31
N ASP E 122 14.09 16.13 30.06
CA ASP E 122 15.52 16.41 30.20
C ASP E 122 16.10 16.53 28.79
N VAL E 123 16.09 17.76 28.26
CA VAL E 123 16.55 18.01 26.91
C VAL E 123 18.03 18.38 26.96
N GLU E 124 18.87 17.55 26.37
CA GLU E 124 20.28 17.84 26.23
C GLU E 124 20.51 18.60 24.93
N GLN E 125 20.75 19.91 25.04
CA GLN E 125 20.91 20.77 23.88
C GLN E 125 22.38 21.11 23.71
N LEU E 126 22.94 20.79 22.55
CA LEU E 126 24.33 21.07 22.25
C LEU E 126 24.46 22.46 21.63
N GLY E 127 25.67 23.01 21.71
CA GLY E 127 25.96 24.29 21.11
C GLY E 127 26.74 24.16 19.81
N ILE E 128 26.05 24.30 18.68
CA ILE E 128 26.66 24.18 17.36
C ILE E 128 27.03 25.58 16.88
N PRO E 129 28.31 25.90 16.74
CA PRO E 129 28.69 27.22 16.24
C PRO E 129 28.53 27.32 14.73
N GLU E 130 28.25 28.52 14.26
CA GLU E 130 28.14 28.76 12.83
C GLU E 130 29.50 28.60 12.17
N GLN E 131 29.52 27.94 11.01
CA GLN E 131 30.75 27.63 10.32
C GLN E 131 30.45 27.42 8.85
N GLU E 132 31.46 27.64 8.01
CA GLU E 132 31.38 27.38 6.59
C GLU E 132 31.92 26.00 6.31
N TYR E 133 31.42 25.37 5.26
CA TYR E 133 31.84 24.02 4.93
C TYR E 133 32.66 24.01 3.64
N SER E 134 33.41 22.92 3.46
CA SER E 134 34.28 22.80 2.30
C SER E 134 33.50 22.48 1.03
N CYS E 135 32.39 21.74 1.15
CA CYS E 135 31.56 21.43 -0.01
C CYS E 135 30.09 21.57 0.35
N VAL E 136 29.35 22.27 -0.51
CA VAL E 136 27.91 22.44 -0.39
C VAL E 136 27.28 22.06 -1.73
N VAL E 137 26.38 21.07 -1.70
CA VAL E 137 25.74 20.54 -2.90
C VAL E 137 24.24 20.77 -2.80
N LYS E 138 23.67 21.46 -3.78
CA LYS E 138 22.23 21.62 -3.87
C LYS E 138 21.73 20.71 -4.99
N MET E 139 20.74 19.88 -4.67
CA MET E 139 20.23 18.95 -5.68
C MET E 139 18.77 18.64 -5.38
N PRO E 140 18.04 18.13 -6.37
CA PRO E 140 16.62 17.81 -6.15
C PRO E 140 16.43 16.86 -4.97
N SER E 141 15.42 17.15 -4.15
CA SER E 141 15.14 16.34 -2.98
C SER E 141 14.84 14.89 -3.38
N GLY E 142 14.00 14.69 -4.38
CA GLY E 142 13.64 13.35 -4.79
C GLY E 142 14.84 12.55 -5.27
N GLU E 143 15.81 13.21 -5.91
CA GLU E 143 17.00 12.50 -6.35
C GLU E 143 17.85 12.05 -5.17
N PHE E 144 18.00 12.91 -4.16
CA PHE E 144 18.73 12.51 -2.95
C PHE E 144 18.04 11.33 -2.26
N ALA E 145 16.71 11.39 -2.13
CA ALA E 145 15.99 10.30 -1.51
C ALA E 145 16.14 9.01 -2.30
N ARG E 146 16.03 9.10 -3.64
CA ARG E 146 16.18 7.93 -4.48
C ARG E 146 17.57 7.33 -4.33
N ILE E 147 18.61 8.18 -4.34
CA ILE E 147 19.98 7.69 -4.21
C ILE E 147 20.17 7.00 -2.86
N CYS E 148 19.67 7.61 -1.78
CA CYS E 148 19.82 7.00 -0.46
C CYS E 148 19.12 5.66 -0.38
N ARG E 149 17.90 5.56 -0.92
CA ARG E 149 17.18 4.29 -0.87
C ARG E 149 17.90 3.21 -1.69
N ASP E 150 18.31 3.55 -2.91
CA ASP E 150 18.97 2.55 -3.76
C ASP E 150 20.29 2.09 -3.16
N LEU E 151 21.06 3.01 -2.56
CA LEU E 151 22.31 2.58 -1.95
C LEU E 151 22.04 1.81 -0.66
N SER E 152 20.92 2.07 0.01
CA SER E 152 20.54 1.26 1.14
C SER E 152 20.19 -0.15 0.70
N HIS E 153 19.78 -0.32 -0.56
CA HIS E 153 19.61 -1.65 -1.11
C HIS E 153 20.93 -2.38 -1.34
N ILE E 154 22.07 -1.67 -1.27
CA ILE E 154 23.37 -2.27 -1.55
C ILE E 154 24.13 -2.53 -0.25
N GLY E 155 24.36 -1.47 0.54
CA GLY E 155 25.08 -1.59 1.78
C GLY E 155 24.43 -0.85 2.93
N ASP E 156 25.16 -0.66 4.03
CA ASP E 156 24.64 0.03 5.19
C ASP E 156 25.29 1.38 5.44
N ALA E 157 26.39 1.69 4.75
CA ALA E 157 27.08 2.96 4.90
C ALA E 157 27.43 3.49 3.53
N VAL E 158 27.32 4.81 3.37
CA VAL E 158 27.62 5.49 2.12
C VAL E 158 28.83 6.39 2.30
N VAL E 159 29.70 6.39 1.30
CA VAL E 159 30.87 7.26 1.25
C VAL E 159 30.57 8.34 0.21
N ILE E 160 30.52 9.59 0.65
CA ILE E 160 30.28 10.71 -0.23
C ILE E 160 31.61 11.39 -0.53
N SER E 161 31.90 11.55 -1.81
CA SER E 161 33.12 12.18 -2.29
C SER E 161 32.75 13.40 -3.12
N CYS E 162 33.18 14.58 -2.66
CA CYS E 162 32.86 15.84 -3.31
C CYS E 162 34.13 16.50 -3.81
N ALA E 163 34.14 16.81 -5.11
CA ALA E 163 35.22 17.56 -5.74
C ALA E 163 34.56 18.66 -6.56
N LYS E 164 35.32 19.25 -7.50
CA LYS E 164 34.79 20.31 -8.33
C LYS E 164 33.99 19.78 -9.52
N ASP E 165 34.31 18.58 -9.99
CA ASP E 165 33.63 18.03 -11.16
C ASP E 165 32.24 17.52 -10.81
N GLY E 166 32.07 16.97 -9.61
CA GLY E 166 30.77 16.44 -9.23
C GLY E 166 30.86 15.75 -7.87
N VAL E 167 29.79 15.03 -7.55
CA VAL E 167 29.71 14.30 -6.29
C VAL E 167 29.52 12.81 -6.61
N LYS E 168 30.00 11.96 -5.71
CA LYS E 168 29.91 10.52 -5.89
C LYS E 168 29.51 9.86 -4.59
N PHE E 169 28.50 9.00 -4.65
CA PHE E 169 28.01 8.25 -3.49
C PHE E 169 28.34 6.78 -3.72
N SER E 170 29.22 6.23 -2.88
CA SER E 170 29.69 4.87 -3.01
C SER E 170 29.18 4.02 -1.85
N ALA E 171 28.96 2.74 -2.11
CA ALA E 171 28.54 1.83 -1.06
C ALA E 171 28.92 0.41 -1.46
N SER E 172 29.48 -0.34 -0.50
CA SER E 172 29.92 -1.70 -0.73
C SER E 172 29.28 -2.63 0.27
N GLY E 173 29.06 -3.88 -0.15
CA GLY E 173 28.46 -4.89 0.69
C GLY E 173 28.87 -6.28 0.29
N GLU E 174 28.24 -7.29 0.90
CA GLU E 174 28.61 -8.67 0.60
C GLU E 174 28.36 -9.01 -0.86
N LEU E 175 27.29 -8.47 -1.44
CA LEU E 175 27.00 -8.77 -2.84
C LEU E 175 27.96 -8.06 -3.78
N GLY E 176 28.50 -6.91 -3.36
CA GLY E 176 29.46 -6.17 -4.17
C GLY E 176 29.59 -4.72 -3.79
N ASN E 177 29.74 -3.83 -4.78
CA ASN E 177 29.88 -2.40 -4.54
C ASN E 177 29.17 -1.64 -5.64
N GLY E 178 29.03 -0.34 -5.43
CA GLY E 178 28.34 0.51 -6.39
C GLY E 178 28.66 1.97 -6.13
N ASN E 179 28.64 2.76 -7.21
CA ASN E 179 28.85 4.19 -7.13
C ASN E 179 27.78 4.91 -7.94
N ILE E 180 27.39 6.08 -7.45
CA ILE E 180 26.41 6.95 -8.10
C ILE E 180 27.09 8.29 -8.31
N LYS E 181 27.27 8.69 -9.56
CA LYS E 181 27.98 9.92 -9.88
C LYS E 181 26.98 10.95 -10.37
N LEU E 182 26.95 12.10 -9.70
CA LEU E 182 26.13 13.23 -10.09
C LEU E 182 27.06 14.36 -10.50
N SER E 183 26.93 14.81 -11.75
CA SER E 183 27.81 15.85 -12.25
C SER E 183 27.15 17.21 -12.09
N GLN E 184 27.96 18.21 -11.80
CA GLN E 184 27.44 19.57 -11.71
C GLN E 184 26.80 19.95 -13.04
N THR E 185 25.55 20.40 -12.99
CA THR E 185 24.81 20.66 -14.22
C THR E 185 25.51 21.73 -15.04
N SER E 186 25.85 21.36 -16.28
CA SER E 186 26.37 22.29 -17.26
C SER E 186 25.36 22.55 -18.36
N ASN E 187 24.26 21.80 -18.41
CA ASN E 187 23.27 21.90 -19.45
C ASN E 187 22.34 23.09 -19.27
N VAL E 188 22.71 24.02 -18.37
CA VAL E 188 21.99 25.27 -18.12
C VAL E 188 20.49 25.03 -18.08
N ASP E 189 20.02 24.31 -17.07
CA ASP E 189 18.60 23.98 -17.01
C ASP E 189 17.79 25.16 -16.50
N LYS E 190 18.30 25.86 -15.48
CA LYS E 190 17.62 26.98 -14.83
C LYS E 190 16.29 26.59 -14.20
N GLU E 191 15.85 25.34 -14.45
CA GLU E 191 14.59 24.84 -13.93
C GLU E 191 14.65 24.53 -12.44
N GLU E 192 15.85 24.51 -11.84
CA GLU E 192 16.17 24.27 -10.44
C GLU E 192 16.34 22.78 -10.19
N GLU E 193 16.07 21.92 -11.19
CA GLU E 193 16.33 20.50 -11.10
C GLU E 193 17.78 20.18 -11.46
N ALA E 194 18.68 21.12 -11.14
CA ALA E 194 20.09 21.07 -11.47
C ALA E 194 20.92 20.94 -10.21
N VAL E 195 22.11 20.36 -10.37
CA VAL E 195 23.02 20.09 -9.26
C VAL E 195 24.18 21.07 -9.36
N THR E 196 24.23 22.01 -8.43
CA THR E 196 25.33 22.96 -8.33
C THR E 196 26.21 22.62 -7.13
N ILE E 197 27.52 22.83 -7.29
CA ILE E 197 28.49 22.48 -6.26
C ILE E 197 29.44 23.67 -6.08
N GLU E 198 29.55 24.16 -4.85
CA GLU E 198 30.51 25.20 -4.48
C GLU E 198 31.51 24.59 -3.51
N MET E 199 32.77 24.50 -3.94
CA MET E 199 33.79 23.74 -3.25
C MET E 199 34.97 24.63 -2.86
N ASN E 200 35.42 24.48 -1.62
CA ASN E 200 36.68 25.07 -1.14
C ASN E 200 37.80 24.04 -1.07
N GLU E 201 37.51 22.85 -0.55
CA GLU E 201 38.45 21.75 -0.46
C GLU E 201 37.67 20.46 -0.72
N PRO E 202 38.24 19.54 -1.51
CA PRO E 202 37.56 18.25 -1.75
C PRO E 202 37.40 17.48 -0.44
N VAL E 203 36.27 16.79 -0.30
CA VAL E 203 35.93 16.14 0.96
C VAL E 203 35.37 14.75 0.70
N GLN E 204 35.91 13.76 1.40
CA GLN E 204 35.38 12.39 1.36
C GLN E 204 35.00 11.98 2.78
N LEU E 205 33.73 11.58 2.96
CA LEU E 205 33.21 11.23 4.27
C LEU E 205 32.36 9.97 4.18
N THR E 206 32.04 9.40 5.33
CA THR E 206 31.24 8.17 5.40
C THR E 206 30.14 8.34 6.44
N PHE E 207 28.93 7.92 6.10
CA PHE E 207 27.77 8.06 6.97
C PHE E 207 26.92 6.80 6.88
N ALA E 208 25.96 6.71 7.81
CA ALA E 208 25.06 5.56 7.86
C ALA E 208 23.82 5.85 7.02
N LEU E 209 23.48 4.90 6.14
CA LEU E 209 22.35 5.09 5.23
C LEU E 209 21.02 5.08 5.98
N ARG E 210 20.95 4.41 7.12
CA ARG E 210 19.72 4.40 7.91
C ARG E 210 19.30 5.81 8.28
N TYR E 211 20.25 6.58 8.83
CA TYR E 211 19.93 7.94 9.26
C TYR E 211 19.59 8.83 8.07
N LEU E 212 20.25 8.63 6.93
CA LEU E 212 19.94 9.44 5.76
C LEU E 212 18.55 9.12 5.21
N ASN E 213 18.15 7.85 5.26
CA ASN E 213 16.78 7.51 4.85
C ASN E 213 15.77 8.09 5.82
N PHE E 214 16.12 8.16 7.11
CA PHE E 214 15.26 8.87 8.05
C PHE E 214 15.17 10.36 7.72
N PHE E 215 16.29 10.93 7.26
CA PHE E 215 16.32 12.34 6.89
C PHE E 215 15.45 12.63 5.68
N THR E 216 15.50 11.77 4.67
CA THR E 216 14.80 12.01 3.41
C THR E 216 13.29 12.01 3.60
N LYS E 217 12.83 11.72 4.83
CA LYS E 217 11.41 11.80 5.13
C LYS E 217 10.89 13.24 5.14
N ALA E 218 11.78 14.22 5.09
CA ALA E 218 11.41 15.63 4.96
C ALA E 218 11.35 16.08 3.51
N THR E 219 11.22 15.14 2.57
CA THR E 219 11.21 15.49 1.15
C THR E 219 10.07 16.41 0.75
N PRO E 220 8.82 16.20 1.16
CA PRO E 220 7.74 17.08 0.70
C PRO E 220 7.85 18.53 1.16
N LEU E 221 8.80 18.85 2.06
CA LEU E 221 8.94 20.24 2.51
C LEU E 221 9.54 21.13 1.42
N SER E 222 10.53 20.63 0.70
CA SER E 222 11.25 21.43 -0.29
C SER E 222 11.48 20.60 -1.54
N SER E 223 11.66 21.31 -2.66
CA SER E 223 11.97 20.66 -3.91
C SER E 223 13.44 20.24 -3.99
N THR E 224 14.32 21.01 -3.33
CA THR E 224 15.74 20.74 -3.34
C THR E 224 16.24 20.57 -1.91
N VAL E 225 17.41 19.93 -1.80
CA VAL E 225 18.10 19.69 -0.54
C VAL E 225 19.52 20.22 -0.68
N THR E 226 20.08 20.66 0.44
CA THR E 226 21.45 21.15 0.46
C THR E 226 22.26 20.31 1.43
N LEU E 227 23.28 19.62 0.91
CA LEU E 227 24.20 18.83 1.71
C LEU E 227 25.47 19.64 1.92
N SER E 228 25.72 20.02 3.17
CA SER E 228 26.92 20.76 3.54
C SER E 228 27.84 19.85 4.35
N MET E 229 29.14 19.89 4.02
CA MET E 229 30.07 19.03 4.74
C MET E 229 31.50 19.52 4.54
N SER E 230 32.33 19.24 5.54
CA SER E 230 33.77 19.44 5.49
C SER E 230 34.47 18.22 6.07
N ALA E 231 35.78 18.30 6.14
CA ALA E 231 36.60 17.17 6.56
C ALA E 231 36.38 16.87 8.03
N ASP E 232 35.93 15.63 8.31
CA ASP E 232 35.81 15.11 9.68
C ASP E 232 34.85 15.95 10.53
N VAL E 233 33.78 16.44 9.91
CA VAL E 233 32.72 17.11 10.65
C VAL E 233 31.38 16.52 10.23
N PRO E 234 30.37 16.61 11.08
CA PRO E 234 29.06 16.05 10.74
C PRO E 234 28.46 16.66 9.48
N LEU E 235 27.81 15.80 8.68
CA LEU E 235 27.07 16.25 7.51
C LEU E 235 25.84 17.03 7.94
N VAL E 236 25.46 18.00 7.12
CA VAL E 236 24.25 18.80 7.34
C VAL E 236 23.36 18.63 6.12
N VAL E 237 22.24 17.94 6.29
CA VAL E 237 21.22 17.82 5.26
C VAL E 237 20.16 18.86 5.58
N GLU E 238 20.01 19.88 4.73
CA GLU E 238 19.13 21.00 5.00
C GLU E 238 17.99 21.02 4.01
N TYR E 239 16.78 21.19 4.55
CA TYR E 239 15.53 21.35 3.79
C TYR E 239 14.98 22.73 4.08
N LYS E 240 14.84 23.54 3.04
CA LYS E 240 14.34 24.91 3.19
C LYS E 240 12.82 24.90 3.13
N ILE E 241 12.18 25.25 4.26
CA ILE E 241 10.74 25.42 4.31
C ILE E 241 10.43 26.79 3.72
N ALA E 242 9.76 26.80 2.57
CA ALA E 242 9.59 27.97 1.71
C ALA E 242 9.30 29.25 2.48
N ASP E 243 10.22 30.20 2.38
CA ASP E 243 10.11 31.54 2.95
C ASP E 243 10.07 31.54 4.48
N MET E 244 9.37 30.55 5.06
CA MET E 244 9.23 30.48 6.51
C MET E 244 10.57 30.22 7.20
N GLY E 245 11.19 29.08 6.92
CA GLY E 245 12.44 28.78 7.61
C GLY E 245 13.19 27.55 7.15
N HIS E 246 13.72 26.75 8.06
CA HIS E 246 14.54 25.62 7.64
C HIS E 246 14.43 24.45 8.62
N LEU E 247 14.91 23.29 8.14
CA LEU E 247 14.98 22.06 8.91
C LEU E 247 16.31 21.40 8.58
N LYS E 248 17.22 21.32 9.56
CA LYS E 248 18.56 20.80 9.34
C LYS E 248 18.74 19.50 10.10
N TYR E 249 19.44 18.56 9.46
CA TYR E 249 19.76 17.26 10.03
C TYR E 249 21.28 17.14 10.09
N TYR E 250 21.83 17.09 11.30
CA TYR E 250 23.26 16.87 11.51
C TYR E 250 23.49 15.39 11.74
N LEU E 251 24.45 14.81 11.02
CA LEU E 251 24.75 13.39 11.14
C LEU E 251 26.26 13.20 11.31
N ALA E 252 26.65 12.50 12.39
CA ALA E 252 28.05 12.29 12.69
C ALA E 252 28.63 11.21 11.77
N PRO E 253 29.85 11.41 11.25
CA PRO E 253 30.39 10.45 10.27
C PRO E 253 30.91 9.17 10.89
N LYS E 254 31.56 8.35 10.07
CA LYS E 254 32.23 7.13 10.51
C LYS E 254 33.70 7.24 10.11
N ILE E 255 34.60 7.20 11.09
CA ILE E 255 36.02 7.38 10.85
C ILE E 255 36.71 6.04 11.10
N GLU E 256 37.84 5.83 10.43
CA GLU E 256 38.61 4.61 10.57
C GLU E 256 39.79 4.87 11.50
N ASP E 257 39.93 4.03 12.52
CA ASP E 257 40.92 4.23 13.57
C ASP E 257 42.34 3.80 13.19
N GLU E 258 42.52 3.16 12.04
CA GLU E 258 43.82 2.63 11.61
C GLU E 258 44.36 1.61 12.63
N GLU E 259 43.56 0.57 12.84
CA GLU E 259 43.89 -0.54 13.74
C GLU E 259 44.20 -0.06 15.16
N ARG F 2 35.38 2.58 10.88
CA ARG F 2 35.48 1.54 11.90
C ARG F 2 34.93 2.02 13.24
N ARG F 3 34.61 3.31 13.32
CA ARG F 3 34.03 3.87 14.55
C ARG F 3 32.91 4.82 14.17
N GLN F 4 31.71 4.56 14.70
CA GLN F 4 30.58 5.47 14.51
C GLN F 4 30.64 6.50 15.63
N THR F 5 30.72 7.78 15.26
CA THR F 5 30.81 8.82 16.27
C THR F 5 29.43 9.37 16.61
N SER F 6 29.40 10.26 17.59
CA SER F 6 28.16 10.89 18.04
C SER F 6 28.29 12.40 17.93
N MET F 7 27.16 13.08 18.09
CA MET F 7 27.18 14.53 18.03
C MET F 7 27.96 15.13 19.20
N THR F 8 27.86 14.49 20.37
CA THR F 8 28.56 14.98 21.55
C THR F 8 30.08 15.03 21.34
N ASP F 9 30.61 14.17 20.47
CA ASP F 9 32.05 14.11 20.23
C ASP F 9 32.59 15.34 19.51
N PHE F 10 31.73 16.08 18.82
CA PHE F 10 32.15 17.23 18.03
C PHE F 10 31.78 18.54 18.68
N TYR F 11 30.64 18.58 19.37
CA TYR F 11 30.18 19.81 19.95
C TYR F 11 30.11 19.68 21.46
N HIS F 12 29.38 20.61 22.05
CA HIS F 12 29.36 20.87 23.48
C HIS F 12 28.03 21.44 23.90
N SER F 13 27.66 21.15 25.16
CA SER F 13 26.33 21.47 25.72
C SER F 13 26.40 22.74 26.54
N LYS F 14 26.09 23.87 25.91
CA LYS F 14 26.03 25.14 26.61
C LYS F 14 24.58 25.44 27.01
#